data_6KZE
#
_entry.id   6KZE
#
_cell.length_a   49.495
_cell.length_b   81.147
_cell.length_c   162.132
_cell.angle_alpha   90.000
_cell.angle_beta   90.000
_cell.angle_gamma   90.000
#
_symmetry.space_group_name_H-M   'P 21 21 21'
#
loop_
_entity.id
_entity.type
_entity.pdbx_description
1 polymer "cAMP and cAMP-inhibited cGMP 3',5'-cyclic phosphodiesterase 10A"
2 non-polymer 8-[(E)-2-[5-methyl-1-[3-[3-(4-methylpiperazin-1-yl)propoxy]phenyl]benzimidazol-2-yl]ethenyl]quinoline
3 non-polymer 'ZINC ION'
4 non-polymer 'MAGNESIUM ION'
5 water water
#
_entity_poly.entity_id   1
_entity_poly.type   'polypeptide(L)'
_entity_poly.pdbx_seq_one_letter_code
;SICTSEEWQGLMQFTLPVRLCKEIELFHFDIGPFENMWPGIFVYMVHRSCGTSCFELEKLCRFIMSVKKNYRRVPYHNWK
HAVTVAHCMYAILQNNHTLFTDLERKGLLIACLCHDLDHRGFSNSYLQKFDHPLAALYSTSTMEQHHFSQTVSILQLEGH
NIFSTLSSSEYEQVLEIIRKAIIATDLALYFGNRKQLEEMYQTGSLNLNNQSHRDRVIGLMMTACDLCSVTKLWPVTKLT
ANDIYAEFWAEGDEMKKLGIQPIPMMDRDKKDEVPQGQLGFYNAVAIPCYTTLTQILPPTEPLLKACRDNLSQWEKVIRG
EE
;
_entity_poly.pdbx_strand_id   A,B
#
loop_
_chem_comp.id
_chem_comp.type
_chem_comp.name
_chem_comp.formula
DZU non-polymer 8-[(E)-2-[5-methyl-1-[3-[3-(4-methylpiperazin-1-yl)propoxy]phenyl]benzimidazol-2-yl]ethenyl]quinoline 'C33 H35 N5 O'
MG non-polymer 'MAGNESIUM ION' 'Mg 2'
ZN non-polymer 'ZINC ION' 'Zn 2'
#
# COMPACT_ATOMS: atom_id res chain seq x y z
N THR A 15 -37.46 16.60 -7.07
CA THR A 15 -37.05 17.96 -6.73
C THR A 15 -36.13 17.96 -5.51
N LEU A 16 -34.86 17.91 -5.74
CA LEU A 16 -34.04 17.84 -4.54
C LEU A 16 -33.63 19.23 -4.09
N PRO A 17 -33.36 19.42 -2.80
CA PRO A 17 -32.97 20.74 -2.32
C PRO A 17 -31.71 21.27 -2.98
N VAL A 18 -31.70 22.60 -3.15
CA VAL A 18 -30.63 23.27 -3.85
C VAL A 18 -29.37 23.32 -3.01
N ARG A 19 -29.52 23.37 -1.70
CA ARG A 19 -28.36 23.38 -0.82
C ARG A 19 -27.37 22.28 -1.16
N LEU A 20 -27.86 21.06 -1.43
CA LEU A 20 -26.96 19.94 -1.59
C LEU A 20 -26.34 19.90 -2.98
N CYS A 21 -27.08 20.35 -3.99
CA CYS A 21 -26.61 20.51 -5.36
C CYS A 21 -25.11 20.67 -5.51
N LYS A 22 -24.52 21.58 -4.73
CA LYS A 22 -23.07 21.67 -4.77
C LYS A 22 -22.44 20.61 -3.88
N GLU A 23 -23.04 20.35 -2.71
CA GLU A 23 -22.41 19.47 -1.73
C GLU A 23 -22.30 18.01 -2.18
N ILE A 24 -23.16 17.55 -3.09
CA ILE A 24 -23.05 16.16 -3.53
C ILE A 24 -21.93 15.96 -4.54
N GLU A 25 -21.46 17.02 -5.21
CA GLU A 25 -20.38 16.85 -6.17
C GLU A 25 -19.02 16.59 -5.53
N LEU A 26 -18.93 16.71 -4.19
CA LEU A 26 -17.71 16.43 -3.46
C LEU A 26 -17.48 14.94 -3.38
N PHE A 27 -16.22 14.53 -3.32
CA PHE A 27 -15.96 13.11 -3.21
C PHE A 27 -16.32 12.61 -1.82
N HIS A 28 -16.11 13.42 -0.81
CA HIS A 28 -16.38 12.98 0.54
C HIS A 28 -17.86 13.09 0.90
N PHE A 29 -18.76 13.23 -0.07
CA PHE A 29 -20.15 13.41 0.29
C PHE A 29 -20.73 12.14 0.88
N ASP A 30 -21.48 12.32 1.95
CA ASP A 30 -22.15 11.25 2.69
C ASP A 30 -23.66 11.40 2.54
N ILE A 31 -24.30 10.33 2.09
CA ILE A 31 -25.75 10.31 1.90
C ILE A 31 -26.49 9.93 3.16
N GLY A 32 -25.82 9.32 4.15
CA GLY A 32 -26.40 8.95 5.42
C GLY A 32 -27.51 9.84 5.93
N PRO A 33 -27.30 11.16 6.03
CA PRO A 33 -28.32 11.95 6.73
C PRO A 33 -29.57 12.22 5.90
N PHE A 34 -29.78 11.50 4.81
CA PHE A 34 -30.77 11.90 3.83
C PHE A 34 -31.51 10.67 3.27
N GLU A 35 -31.78 9.71 4.16
CA GLU A 35 -32.40 8.44 3.75
C GLU A 35 -33.66 8.67 2.95
N ASN A 36 -34.54 9.54 3.46
CA ASN A 36 -35.69 10.09 2.77
C ASN A 36 -35.42 10.25 1.29
N MET A 37 -34.25 10.81 0.99
CA MET A 37 -33.96 11.32 -0.31
C MET A 37 -33.18 10.38 -1.20
N TRP A 38 -32.62 9.30 -0.64
CA TRP A 38 -31.72 8.44 -1.40
C TRP A 38 -32.19 8.13 -2.81
N PRO A 39 -33.42 7.68 -3.05
CA PRO A 39 -33.80 7.34 -4.42
C PRO A 39 -33.99 8.56 -5.30
N GLY A 40 -34.12 9.74 -4.71
CA GLY A 40 -34.19 10.96 -5.50
C GLY A 40 -32.81 11.34 -6.00
N ILE A 41 -31.89 11.43 -5.04
CA ILE A 41 -30.46 11.59 -5.26
C ILE A 41 -29.96 10.77 -6.44
N PHE A 42 -30.39 9.51 -6.57
CA PHE A 42 -29.94 8.74 -7.73
C PHE A 42 -30.39 9.41 -9.02
N VAL A 43 -31.70 9.60 -9.17
CA VAL A 43 -32.23 10.32 -10.33
C VAL A 43 -31.54 11.66 -10.48
N TYR A 44 -31.31 12.37 -9.37
CA TYR A 44 -30.49 13.56 -9.43
C TYR A 44 -29.17 13.26 -10.15
N MET A 45 -28.41 12.30 -9.63
CA MET A 45 -27.11 12.02 -10.23
C MET A 45 -27.25 11.51 -11.66
N VAL A 46 -28.28 10.71 -11.92
CA VAL A 46 -28.57 10.32 -13.30
C VAL A 46 -28.88 11.55 -14.13
N HIS A 47 -29.71 12.43 -13.60
CA HIS A 47 -30.09 13.58 -14.40
C HIS A 47 -28.91 14.49 -14.69
N ARG A 48 -27.96 14.59 -13.78
CA ARG A 48 -26.85 15.52 -14.02
C ARG A 48 -25.81 14.96 -14.96
N SER A 49 -25.51 13.67 -14.85
CA SER A 49 -24.50 13.08 -15.72
C SER A 49 -25.02 12.95 -17.15
N CYS A 50 -26.06 12.16 -17.36
CA CYS A 50 -26.43 11.70 -18.70
C CYS A 50 -27.59 12.50 -19.31
N GLY A 51 -28.18 13.40 -18.53
CA GLY A 51 -29.25 14.23 -19.02
C GLY A 51 -30.53 14.02 -18.22
N THR A 52 -31.56 14.80 -18.60
CA THR A 52 -32.86 14.38 -18.14
C THR A 52 -33.57 13.56 -19.19
N SER A 53 -33.26 13.81 -20.44
CA SER A 53 -33.73 12.94 -21.52
C SER A 53 -32.90 11.65 -21.72
N CYS A 54 -32.39 10.96 -20.68
CA CYS A 54 -31.68 9.68 -20.87
C CYS A 54 -32.60 8.47 -20.95
N PHE A 55 -33.45 8.39 -19.97
CA PHE A 55 -34.37 7.31 -19.82
C PHE A 55 -35.74 7.93 -19.80
N GLU A 56 -36.70 7.10 -20.12
CA GLU A 56 -38.06 7.53 -19.92
C GLU A 56 -38.26 7.69 -18.42
N LEU A 57 -38.67 8.89 -18.04
CA LEU A 57 -38.62 9.29 -16.64
C LEU A 57 -39.42 8.32 -15.77
N GLU A 58 -40.56 7.85 -16.27
CA GLU A 58 -41.42 6.99 -15.47
C GLU A 58 -40.80 5.60 -15.28
N LYS A 59 -40.21 5.05 -16.34
CA LYS A 59 -39.48 3.79 -16.20
C LYS A 59 -38.43 3.87 -15.11
N LEU A 60 -37.62 4.95 -15.13
CA LEU A 60 -36.42 5.03 -14.29
C LEU A 60 -36.77 5.03 -12.80
N CYS A 61 -37.91 5.61 -12.41
CA CYS A 61 -38.34 5.58 -11.02
C CYS A 61 -38.89 4.22 -10.61
N ARG A 62 -39.59 3.55 -11.53
CA ARG A 62 -40.00 2.18 -11.29
C ARG A 62 -38.80 1.34 -10.98
N PHE A 63 -37.90 1.21 -11.96
CA PHE A 63 -36.65 0.49 -11.78
C PHE A 63 -36.00 0.73 -10.41
N ILE A 64 -35.93 2.00 -9.99
CA ILE A 64 -35.13 2.34 -8.81
C ILE A 64 -35.75 1.76 -7.54
N MET A 65 -37.05 1.95 -7.35
CA MET A 65 -37.66 1.47 -6.13
C MET A 65 -37.83 -0.04 -6.15
N SER A 66 -37.91 -0.65 -7.32
CA SER A 66 -37.86 -2.10 -7.37
C SER A 66 -36.49 -2.59 -6.92
N VAL A 67 -35.43 -1.95 -7.43
CA VAL A 67 -34.08 -2.23 -6.96
C VAL A 67 -34.00 -2.07 -5.45
N LYS A 68 -34.55 -0.96 -4.94
CA LYS A 68 -34.58 -0.74 -3.49
C LYS A 68 -35.21 -1.92 -2.76
N LYS A 69 -36.43 -2.28 -3.18
CA LYS A 69 -37.14 -3.43 -2.59
C LYS A 69 -36.25 -4.66 -2.52
N ASN A 70 -35.42 -4.86 -3.52
CA ASN A 70 -34.58 -6.04 -3.57
C ASN A 70 -33.21 -5.82 -2.95
N TYR A 71 -33.13 -5.01 -1.89
CA TYR A 71 -31.95 -4.96 -1.03
C TYR A 71 -32.38 -5.42 0.35
N ARG A 72 -31.92 -6.61 0.75
CA ARG A 72 -32.35 -7.15 2.03
C ARG A 72 -32.06 -6.16 3.16
N ARG A 73 -32.65 -6.44 4.32
CA ARG A 73 -32.45 -5.59 5.49
C ARG A 73 -31.20 -5.99 6.28
N VAL A 74 -30.13 -6.29 5.55
CA VAL A 74 -28.78 -6.61 6.05
C VAL A 74 -28.10 -5.41 6.71
N PRO A 75 -27.03 -5.62 7.49
CA PRO A 75 -26.38 -4.50 8.18
C PRO A 75 -25.56 -3.57 7.28
N TYR A 76 -24.84 -4.13 6.30
CA TYR A 76 -23.96 -3.35 5.45
C TYR A 76 -24.37 -3.38 3.99
N HIS A 77 -24.42 -4.56 3.35
CA HIS A 77 -24.63 -4.64 1.90
C HIS A 77 -26.11 -4.49 1.55
N ASN A 78 -26.61 -3.27 1.77
CA ASN A 78 -28.02 -2.93 1.78
C ASN A 78 -28.23 -1.65 0.97
N TRP A 79 -29.48 -1.20 0.86
CA TRP A 79 -29.83 -0.04 0.03
C TRP A 79 -28.87 1.15 0.23
N LYS A 80 -28.63 1.55 1.48
CA LYS A 80 -27.70 2.65 1.72
C LYS A 80 -26.40 2.45 0.94
N HIS A 81 -25.89 1.22 0.91
CA HIS A 81 -24.58 0.97 0.31
C HIS A 81 -24.63 1.10 -1.20
N ALA A 82 -25.69 0.56 -1.81
CA ALA A 82 -25.90 0.69 -3.25
C ALA A 82 -25.93 2.16 -3.67
N VAL A 83 -26.49 3.04 -2.83
CA VAL A 83 -26.58 4.45 -3.17
C VAL A 83 -25.25 5.16 -2.91
N THR A 84 -24.58 4.83 -1.80
CA THR A 84 -23.28 5.45 -1.51
C THR A 84 -22.28 5.17 -2.63
N VAL A 85 -22.10 3.87 -2.96
CA VAL A 85 -21.37 3.47 -4.16
C VAL A 85 -21.85 4.27 -5.37
N ALA A 86 -23.13 4.14 -5.71
CA ALA A 86 -23.76 4.95 -6.76
C ALA A 86 -23.24 6.39 -6.76
N HIS A 87 -23.30 7.06 -5.61
CA HIS A 87 -22.77 8.40 -5.54
C HIS A 87 -21.31 8.43 -5.95
N CYS A 88 -20.48 7.56 -5.38
CA CYS A 88 -19.05 7.70 -5.62
C CYS A 88 -18.72 7.56 -7.11
N MET A 89 -19.47 6.72 -7.83
CA MET A 89 -19.30 6.63 -9.28
C MET A 89 -19.66 7.96 -9.94
N TYR A 90 -20.70 8.62 -9.41
CA TYR A 90 -21.09 9.94 -9.91
C TYR A 90 -19.93 10.91 -9.84
N ALA A 91 -19.35 11.07 -8.64
CA ALA A 91 -18.21 11.97 -8.46
C ALA A 91 -17.09 11.67 -9.44
N ILE A 92 -16.80 10.39 -9.70
CA ILE A 92 -15.66 10.09 -10.54
C ILE A 92 -15.97 10.48 -11.98
N LEU A 93 -17.20 10.23 -12.43
CA LEU A 93 -17.52 10.55 -13.81
C LEU A 93 -17.70 12.05 -14.03
N GLN A 94 -18.20 12.77 -13.01
CA GLN A 94 -18.30 14.23 -13.10
C GLN A 94 -16.93 14.87 -13.20
N ASN A 95 -15.89 14.14 -12.82
CA ASN A 95 -14.53 14.66 -12.84
C ASN A 95 -13.74 14.04 -13.97
N ASN A 96 -14.36 13.14 -14.73
CA ASN A 96 -13.70 12.56 -15.89
C ASN A 96 -14.60 12.61 -17.12
N HIS A 97 -15.57 13.52 -17.09
CA HIS A 97 -16.36 14.01 -18.22
C HIS A 97 -15.92 13.47 -19.57
N THR A 98 -14.70 13.82 -19.96
CA THR A 98 -14.24 13.60 -21.34
C THR A 98 -14.08 12.12 -21.65
N LEU A 99 -13.80 11.30 -20.64
CA LEU A 99 -13.23 9.99 -20.88
C LEU A 99 -14.23 8.86 -21.14
N PHE A 100 -15.51 8.99 -20.75
CA PHE A 100 -16.42 7.84 -20.75
C PHE A 100 -17.58 8.00 -21.72
N THR A 101 -17.79 6.97 -22.53
CA THR A 101 -18.83 6.91 -23.51
C THR A 101 -20.02 7.34 -22.78
N ASP A 102 -21.09 7.61 -23.49
CA ASP A 102 -22.31 8.05 -22.87
C ASP A 102 -23.03 6.87 -22.31
N LEU A 103 -22.79 5.73 -22.92
CA LEU A 103 -23.41 4.51 -22.50
C LEU A 103 -22.81 4.09 -21.17
N GLU A 104 -21.50 3.93 -21.14
CA GLU A 104 -20.76 3.54 -19.97
C GLU A 104 -21.24 4.28 -18.76
N ARG A 105 -21.32 5.57 -18.87
CA ARG A 105 -21.77 6.39 -17.77
C ARG A 105 -23.08 5.88 -17.28
N LYS A 106 -24.06 5.88 -18.14
CA LYS A 106 -25.38 5.40 -17.78
C LYS A 106 -25.35 4.10 -17.00
N GLY A 107 -24.77 3.10 -17.62
CA GLY A 107 -24.66 1.77 -17.08
C GLY A 107 -23.86 1.72 -15.83
N LEU A 108 -22.76 2.46 -15.79
CA LEU A 108 -21.93 2.44 -14.63
C LEU A 108 -22.68 2.98 -13.44
N LEU A 109 -23.59 3.92 -13.61
CA LEU A 109 -24.34 4.30 -12.42
C LEU A 109 -25.41 3.26 -12.11
N ILE A 110 -26.15 2.81 -13.13
CA ILE A 110 -27.06 1.69 -12.97
C ILE A 110 -26.33 0.52 -12.33
N ALA A 111 -25.28 0.03 -12.99
CA ALA A 111 -24.48 -1.07 -12.47
C ALA A 111 -24.09 -0.85 -11.01
N CYS A 112 -23.78 0.38 -10.64
CA CYS A 112 -23.40 0.65 -9.26
C CYS A 112 -24.58 0.46 -8.32
N LEU A 113 -25.73 1.04 -8.66
CA LEU A 113 -26.90 0.96 -7.79
C LEU A 113 -27.35 -0.49 -7.59
N CYS A 114 -27.07 -1.35 -8.56
CA CYS A 114 -27.50 -2.74 -8.60
C CYS A 114 -26.39 -3.72 -8.24
N HIS A 115 -25.16 -3.25 -8.07
CA HIS A 115 -24.03 -4.16 -7.95
C HIS A 115 -24.21 -5.20 -6.82
N ASP A 116 -25.05 -4.92 -5.81
CA ASP A 116 -25.19 -5.80 -4.64
C ASP A 116 -26.63 -6.28 -4.44
N LEU A 117 -27.31 -6.70 -5.51
CA LEU A 117 -28.73 -7.01 -5.40
C LEU A 117 -28.99 -8.27 -4.59
N ASP A 118 -29.88 -8.15 -3.61
CA ASP A 118 -30.36 -9.29 -2.84
C ASP A 118 -29.21 -9.97 -2.12
N HIS A 119 -28.50 -9.17 -1.32
CA HIS A 119 -27.34 -9.63 -0.58
C HIS A 119 -27.78 -10.25 0.74
N ARG A 120 -27.20 -11.40 1.09
CA ARG A 120 -27.64 -12.05 2.31
C ARG A 120 -26.85 -11.63 3.54
N GLY A 121 -25.69 -11.00 3.38
CA GLY A 121 -24.81 -10.76 4.50
C GLY A 121 -23.77 -11.84 4.69
N PHE A 122 -23.30 -12.44 3.61
CA PHE A 122 -22.48 -13.65 3.67
C PHE A 122 -21.48 -13.66 2.52
N SER A 123 -20.18 -13.73 2.86
CA SER A 123 -19.14 -13.80 1.84
C SER A 123 -19.27 -15.06 1.00
N ASN A 124 -18.67 -15.01 -0.19
CA ASN A 124 -18.69 -16.16 -1.10
C ASN A 124 -18.15 -17.43 -0.43
N SER A 125 -17.14 -17.28 0.42
CA SER A 125 -16.57 -18.41 1.14
C SER A 125 -17.63 -19.09 2.01
N TYR A 126 -18.51 -18.29 2.61
CA TYR A 126 -19.62 -18.88 3.36
C TYR A 126 -20.48 -19.73 2.42
N LEU A 127 -20.90 -19.15 1.31
CA LEU A 127 -21.72 -19.90 0.36
C LEU A 127 -20.97 -21.11 -0.19
N GLN A 128 -19.65 -21.03 -0.33
CA GLN A 128 -18.94 -22.10 -1.00
C GLN A 128 -18.41 -23.16 -0.04
N LYS A 129 -18.15 -22.82 1.22
CA LYS A 129 -17.87 -23.83 2.25
C LYS A 129 -19.12 -24.56 2.71
N PHE A 130 -20.31 -24.10 2.34
CA PHE A 130 -21.57 -24.73 2.74
C PHE A 130 -22.44 -25.05 1.52
N ASP A 131 -21.81 -25.46 0.44
CA ASP A 131 -22.51 -25.83 -0.78
C ASP A 131 -23.82 -25.07 -1.05
N HIS A 132 -23.90 -23.77 -0.79
CA HIS A 132 -25.13 -23.04 -1.03
C HIS A 132 -25.50 -23.24 -2.45
N PRO A 133 -26.84 -23.06 -2.77
CA PRO A 133 -27.15 -23.23 -4.19
C PRO A 133 -26.43 -22.25 -5.09
N LEU A 134 -26.27 -21.04 -4.61
CA LEU A 134 -25.61 -20.01 -5.37
C LEU A 134 -24.21 -20.42 -5.80
N ALA A 135 -23.54 -21.18 -4.96
CA ALA A 135 -22.22 -21.68 -5.28
C ALA A 135 -22.33 -22.87 -6.22
N ALA A 136 -23.56 -23.27 -6.48
CA ALA A 136 -23.85 -24.39 -7.32
C ALA A 136 -24.07 -23.82 -8.70
N LEU A 137 -24.77 -22.70 -8.71
CA LEU A 137 -25.04 -21.99 -9.92
C LEU A 137 -23.78 -21.32 -10.36
N TYR A 138 -23.22 -20.52 -9.44
CA TYR A 138 -22.08 -19.64 -9.68
C TYR A 138 -20.86 -20.19 -8.95
N SER A 139 -20.07 -21.01 -9.66
CA SER A 139 -18.92 -21.68 -9.05
C SER A 139 -17.93 -20.68 -8.45
N THR A 140 -17.82 -19.50 -9.06
CA THR A 140 -16.92 -18.43 -8.62
C THR A 140 -17.64 -17.10 -8.75
N SER A 141 -17.13 -16.10 -8.03
CA SER A 141 -17.75 -14.79 -7.99
C SER A 141 -19.24 -14.91 -7.70
N THR A 142 -19.55 -15.71 -6.68
CA THR A 142 -20.87 -16.30 -6.54
C THR A 142 -21.96 -15.24 -6.43
N MET A 143 -21.84 -14.31 -5.50
CA MET A 143 -22.91 -13.35 -5.34
C MET A 143 -22.96 -12.34 -6.48
N GLU A 144 -21.84 -12.06 -7.15
CA GLU A 144 -21.85 -11.05 -8.23
C GLU A 144 -22.61 -11.55 -9.45
N GLN A 145 -22.23 -12.74 -9.97
CA GLN A 145 -23.04 -13.37 -11.01
C GLN A 145 -24.51 -13.37 -10.63
N HIS A 146 -24.82 -13.47 -9.34
CA HIS A 146 -26.20 -13.36 -8.87
C HIS A 146 -26.70 -11.93 -8.86
N HIS A 147 -25.87 -10.98 -8.43
CA HIS A 147 -26.28 -9.59 -8.48
C HIS A 147 -26.57 -9.13 -9.91
N PHE A 148 -25.84 -9.67 -10.89
CA PHE A 148 -26.22 -9.41 -12.27
C PHE A 148 -27.54 -10.08 -12.61
N SER A 149 -27.71 -11.33 -12.17
CA SER A 149 -28.96 -12.05 -12.39
C SER A 149 -30.15 -11.20 -11.94
N GLN A 150 -30.23 -10.93 -10.64
CA GLN A 150 -31.23 -10.02 -10.11
C GLN A 150 -31.37 -8.74 -10.93
N THR A 151 -30.25 -8.21 -11.44
CA THR A 151 -30.32 -6.97 -12.22
C THR A 151 -31.15 -7.18 -13.49
N VAL A 152 -30.80 -8.21 -14.27
CA VAL A 152 -31.56 -8.53 -15.48
C VAL A 152 -33.03 -8.68 -15.17
N SER A 153 -33.36 -9.45 -14.13
CA SER A 153 -34.75 -9.80 -13.88
C SER A 153 -35.59 -8.56 -13.61
N ILE A 154 -35.12 -7.67 -12.76
CA ILE A 154 -35.85 -6.44 -12.52
C ILE A 154 -35.96 -5.62 -13.80
N LEU A 155 -34.89 -5.59 -14.61
CA LEU A 155 -35.00 -4.92 -15.90
C LEU A 155 -36.10 -5.53 -16.75
N GLN A 156 -36.24 -6.86 -16.71
CA GLN A 156 -37.25 -7.52 -17.53
C GLN A 156 -38.62 -7.56 -16.86
N LEU A 157 -38.78 -6.95 -15.69
CA LEU A 157 -40.09 -6.48 -15.29
C LEU A 157 -40.64 -5.58 -16.39
N GLU A 158 -41.94 -5.67 -16.66
CA GLU A 158 -42.52 -4.81 -17.68
C GLU A 158 -42.53 -3.36 -17.18
N GLY A 159 -42.27 -2.42 -18.10
CA GLY A 159 -42.16 -1.03 -17.72
C GLY A 159 -41.03 -0.74 -16.75
N HIS A 160 -40.04 -1.62 -16.70
CA HIS A 160 -38.80 -1.39 -15.97
C HIS A 160 -37.59 -1.35 -16.88
N ASN A 161 -37.72 -1.86 -18.11
CA ASN A 161 -36.61 -1.87 -19.04
C ASN A 161 -36.39 -0.47 -19.57
N ILE A 162 -35.34 0.18 -19.05
CA ILE A 162 -35.00 1.56 -19.41
C ILE A 162 -34.12 1.62 -20.64
N PHE A 163 -33.42 0.55 -20.97
CA PHE A 163 -32.58 0.50 -22.14
C PHE A 163 -33.33 0.03 -23.38
N SER A 164 -34.66 -0.12 -23.29
CA SER A 164 -35.45 -0.37 -24.48
C SER A 164 -35.27 0.77 -25.48
N THR A 165 -34.98 1.96 -24.97
CA THR A 165 -34.57 3.13 -25.72
C THR A 165 -33.43 2.86 -26.70
N LEU A 166 -32.64 1.81 -26.48
CA LEU A 166 -31.41 1.65 -27.23
C LEU A 166 -31.59 0.73 -28.43
N SER A 167 -30.63 0.79 -29.35
CA SER A 167 -30.55 -0.22 -30.37
C SER A 167 -30.08 -1.52 -29.74
N SER A 168 -30.57 -2.64 -30.28
CA SER A 168 -30.18 -3.93 -29.72
C SER A 168 -28.67 -4.11 -29.65
N SER A 169 -27.89 -3.38 -30.50
CA SER A 169 -26.45 -3.48 -30.39
C SER A 169 -25.89 -2.52 -29.34
N GLU A 170 -26.56 -1.39 -29.11
CA GLU A 170 -26.27 -0.58 -27.92
C GLU A 170 -26.80 -1.24 -26.67
N TYR A 171 -27.96 -1.91 -26.77
CA TYR A 171 -28.48 -2.65 -25.64
C TYR A 171 -27.36 -3.57 -25.17
N GLU A 172 -27.11 -4.65 -25.92
CA GLU A 172 -26.20 -5.70 -25.45
C GLU A 172 -24.87 -5.16 -24.92
N GLN A 173 -24.50 -3.93 -25.29
CA GLN A 173 -23.29 -3.29 -24.75
C GLN A 173 -23.48 -2.73 -23.34
N VAL A 174 -24.65 -2.19 -23.01
CA VAL A 174 -24.89 -1.70 -21.64
C VAL A 174 -25.07 -2.84 -20.65
N LEU A 175 -25.43 -4.02 -21.13
CA LEU A 175 -25.43 -5.18 -20.25
C LEU A 175 -24.01 -5.57 -19.95
N GLU A 176 -23.18 -5.63 -20.99
CA GLU A 176 -21.80 -6.12 -20.88
C GLU A 176 -20.93 -5.18 -20.08
N ILE A 177 -21.21 -3.88 -20.12
CA ILE A 177 -20.62 -2.95 -19.16
C ILE A 177 -21.13 -3.27 -17.76
N ILE A 178 -22.46 -3.18 -17.59
CA ILE A 178 -23.09 -3.48 -16.31
C ILE A 178 -22.58 -4.79 -15.74
N ARG A 179 -22.51 -5.82 -16.58
CA ARG A 179 -22.14 -7.14 -16.09
C ARG A 179 -20.70 -7.16 -15.59
N LYS A 180 -19.77 -6.63 -16.39
CA LYS A 180 -18.36 -6.67 -16.02
C LYS A 180 -18.10 -5.85 -14.77
N ALA A 181 -18.78 -4.71 -14.65
CA ALA A 181 -18.61 -3.88 -13.47
C ALA A 181 -19.20 -4.55 -12.23
N ILE A 182 -20.21 -5.40 -12.41
CA ILE A 182 -20.77 -6.08 -11.27
C ILE A 182 -19.83 -7.20 -10.81
N ILE A 183 -19.28 -7.95 -11.76
CA ILE A 183 -18.29 -8.98 -11.42
C ILE A 183 -17.04 -8.34 -10.85
N ALA A 184 -16.67 -7.16 -11.34
CA ALA A 184 -15.45 -6.54 -10.86
C ALA A 184 -15.55 -6.14 -9.39
N THR A 185 -16.76 -6.05 -8.82
CA THR A 185 -16.79 -5.75 -7.39
C THR A 185 -16.41 -6.96 -6.57
N ASP A 186 -16.15 -8.10 -7.20
CA ASP A 186 -15.58 -9.27 -6.53
C ASP A 186 -14.17 -8.91 -6.12
N LEU A 187 -14.01 -8.48 -4.86
CA LEU A 187 -12.72 -8.07 -4.33
C LEU A 187 -11.60 -9.07 -4.59
N ALA A 188 -11.91 -10.37 -4.67
CA ALA A 188 -10.86 -11.33 -5.00
C ALA A 188 -10.31 -11.12 -6.40
N LEU A 189 -11.12 -10.60 -7.32
CA LEU A 189 -10.59 -10.30 -8.65
C LEU A 189 -9.88 -8.96 -8.69
N TYR A 190 -10.12 -8.10 -7.69
CA TYR A 190 -9.54 -6.76 -7.70
C TYR A 190 -8.02 -6.84 -7.72
N PHE A 191 -7.45 -7.67 -6.85
CA PHE A 191 -5.98 -7.71 -6.70
C PHE A 191 -5.28 -7.93 -8.03
N GLY A 192 -5.69 -8.95 -8.80
CA GLY A 192 -5.15 -9.11 -10.13
C GLY A 192 -5.32 -7.85 -10.98
N ASN A 193 -6.53 -7.32 -11.01
CA ASN A 193 -6.82 -6.15 -11.83
C ASN A 193 -5.85 -5.01 -11.53
N ARG A 194 -5.66 -4.71 -10.25
CA ARG A 194 -4.87 -3.55 -9.86
C ARG A 194 -3.36 -3.79 -9.97
N LYS A 195 -2.88 -5.00 -9.68
CA LYS A 195 -1.48 -5.31 -9.97
C LYS A 195 -1.22 -5.35 -11.47
N GLN A 196 -2.25 -5.70 -12.26
CA GLN A 196 -2.13 -5.70 -13.71
C GLN A 196 -2.13 -4.28 -14.24
N LEU A 197 -2.97 -3.41 -13.67
CA LEU A 197 -2.95 -2.00 -14.07
C LEU A 197 -1.67 -1.30 -13.61
N GLU A 198 -1.06 -1.74 -12.50
CA GLU A 198 0.19 -1.13 -12.07
C GLU A 198 1.26 -1.32 -13.15
N GLU A 199 1.40 -2.56 -13.64
CA GLU A 199 2.34 -2.84 -14.73
C GLU A 199 2.03 -2.01 -15.98
N MET A 200 0.78 -2.10 -16.49
CA MET A 200 0.42 -1.38 -17.71
C MET A 200 0.76 0.10 -17.60
N TYR A 201 0.67 0.67 -16.39
CA TYR A 201 1.10 2.04 -16.18
C TYR A 201 2.61 2.14 -16.27
N GLN A 202 3.30 1.31 -15.49
CA GLN A 202 4.76 1.34 -15.44
C GLN A 202 5.42 1.01 -16.76
N THR A 203 4.73 0.31 -17.68
CA THR A 203 5.30 0.00 -18.98
C THR A 203 4.86 0.96 -20.07
N GLY A 204 4.11 2.01 -19.74
CA GLY A 204 3.55 2.88 -20.75
C GLY A 204 2.59 2.21 -21.71
N SER A 205 2.07 1.04 -21.34
CA SER A 205 1.23 0.23 -22.22
C SER A 205 -0.25 0.34 -21.86
N LEU A 206 -0.67 1.44 -21.26
CA LEU A 206 -2.09 1.70 -21.02
C LEU A 206 -2.67 2.39 -22.24
N ASN A 207 -3.83 1.90 -22.68
CA ASN A 207 -4.41 2.37 -23.94
C ASN A 207 -5.91 2.52 -23.74
N LEU A 208 -6.35 3.77 -23.60
CA LEU A 208 -7.75 4.04 -23.34
C LEU A 208 -8.67 3.58 -24.48
N ASN A 209 -8.12 3.38 -25.69
CA ASN A 209 -8.89 2.88 -26.81
C ASN A 209 -9.01 1.36 -26.80
N ASN A 210 -8.22 0.68 -25.99
CA ASN A 210 -8.27 -0.77 -25.92
C ASN A 210 -9.40 -1.20 -24.98
N GLN A 211 -10.35 -1.99 -25.51
CA GLN A 211 -11.57 -2.28 -24.75
C GLN A 211 -11.30 -2.98 -23.43
N SER A 212 -10.48 -4.04 -23.46
CA SER A 212 -10.17 -4.76 -22.23
C SER A 212 -9.42 -3.86 -21.26
N HIS A 213 -8.57 -2.98 -21.80
CA HIS A 213 -7.94 -1.95 -20.98
C HIS A 213 -8.99 -1.06 -20.32
N ARG A 214 -10.03 -0.69 -21.06
CA ARG A 214 -11.12 0.07 -20.44
C ARG A 214 -11.80 -0.75 -19.37
N ASP A 215 -12.00 -2.03 -19.65
CA ASP A 215 -12.69 -2.89 -18.70
C ASP A 215 -11.98 -2.90 -17.35
N ARG A 216 -10.67 -3.14 -17.35
CA ARG A 216 -9.87 -3.10 -16.12
C ARG A 216 -10.02 -1.78 -15.41
N VAL A 217 -9.99 -0.68 -16.17
CA VAL A 217 -10.10 0.63 -15.52
C VAL A 217 -11.48 0.77 -14.90
N ILE A 218 -12.51 0.42 -15.65
CA ILE A 218 -13.87 0.40 -15.10
C ILE A 218 -13.91 -0.46 -13.85
N GLY A 219 -13.23 -1.60 -13.88
CA GLY A 219 -13.28 -2.50 -12.75
C GLY A 219 -12.62 -1.94 -11.51
N LEU A 220 -11.49 -1.25 -11.70
CA LEU A 220 -10.88 -0.55 -10.59
C LEU A 220 -11.75 0.60 -10.09
N MET A 221 -12.40 1.31 -11.01
CA MET A 221 -13.33 2.35 -10.56
C MET A 221 -14.43 1.72 -9.72
N MET A 222 -14.87 0.52 -10.10
CA MET A 222 -15.92 -0.11 -9.33
C MET A 222 -15.43 -0.52 -7.95
N THR A 223 -14.15 -0.89 -7.83
CA THR A 223 -13.59 -1.23 -6.51
C THR A 223 -13.42 0.01 -5.65
N ALA A 224 -12.91 1.10 -6.24
CA ALA A 224 -12.77 2.33 -5.49
C ALA A 224 -14.13 2.80 -5.00
N CYS A 225 -15.12 2.85 -5.89
CA CYS A 225 -16.50 3.15 -5.50
C CYS A 225 -16.98 2.27 -4.35
N ASP A 226 -16.76 0.96 -4.49
CA ASP A 226 -17.33 0.00 -3.54
C ASP A 226 -16.70 0.14 -2.19
N LEU A 227 -15.47 0.63 -2.12
CA LEU A 227 -14.81 0.79 -0.85
C LEU A 227 -14.91 2.21 -0.32
N CYS A 228 -15.64 3.09 -1.00
CA CYS A 228 -15.56 4.52 -0.76
C CYS A 228 -15.89 4.91 0.66
N SER A 229 -16.38 4.00 1.49
CA SER A 229 -16.64 4.37 2.87
C SER A 229 -15.35 4.75 3.58
N VAL A 230 -14.23 4.15 3.19
CA VAL A 230 -12.94 4.55 3.71
C VAL A 230 -12.58 5.97 3.31
N THR A 231 -13.23 6.53 2.29
CA THR A 231 -12.93 7.85 1.75
C THR A 231 -13.87 8.93 2.28
N LYS A 232 -14.49 8.77 3.45
CA LYS A 232 -15.36 9.82 3.97
C LYS A 232 -14.70 10.50 5.17
N LEU A 233 -15.38 11.49 5.71
CA LEU A 233 -14.90 12.12 6.93
C LEU A 233 -14.98 11.12 8.09
N TRP A 234 -13.99 11.21 8.98
CA TRP A 234 -13.81 10.22 10.04
C TRP A 234 -15.05 9.83 10.82
N PRO A 235 -15.96 10.74 11.18
CA PRO A 235 -17.18 10.26 11.86
C PRO A 235 -18.05 9.44 10.93
N VAL A 236 -18.15 9.84 9.66
CA VAL A 236 -18.86 9.01 8.68
C VAL A 236 -18.18 7.67 8.55
N THR A 237 -16.86 7.70 8.46
CA THR A 237 -16.12 6.47 8.18
C THR A 237 -16.14 5.51 9.36
N LYS A 238 -15.88 6.01 10.57
CA LYS A 238 -15.95 5.17 11.76
C LYS A 238 -17.34 4.58 11.95
N LEU A 239 -18.38 5.38 11.73
CA LEU A 239 -19.75 4.88 11.90
C LEU A 239 -20.06 3.77 10.91
N THR A 240 -19.72 3.96 9.64
CA THR A 240 -19.91 2.90 8.65
C THR A 240 -19.15 1.63 9.04
N ALA A 241 -18.06 1.78 9.79
CA ALA A 241 -17.30 0.60 10.17
C ALA A 241 -18.11 -0.29 11.10
N ASN A 242 -18.88 0.33 12.01
CA ASN A 242 -19.73 -0.43 12.91
C ASN A 242 -20.63 -1.37 12.13
N ASP A 243 -21.14 -0.90 11.00
CA ASP A 243 -22.08 -1.70 10.24
C ASP A 243 -21.39 -2.76 9.40
N ILE A 244 -20.12 -2.52 9.03
CA ILE A 244 -19.40 -3.53 8.26
C ILE A 244 -19.12 -4.76 9.12
N TYR A 245 -18.71 -4.55 10.38
CA TYR A 245 -18.43 -5.69 11.23
C TYR A 245 -19.71 -6.36 11.73
N ALA A 246 -20.77 -5.58 11.98
CA ALA A 246 -22.06 -6.16 12.36
C ALA A 246 -22.55 -7.20 11.35
N GLU A 247 -22.25 -7.00 10.07
CA GLU A 247 -22.58 -8.04 9.10
C GLU A 247 -21.50 -9.12 9.03
N PHE A 248 -20.22 -8.74 9.17
CA PHE A 248 -19.15 -9.73 9.28
C PHE A 248 -19.36 -10.63 10.48
N TRP A 249 -19.37 -10.03 11.67
CA TRP A 249 -19.48 -10.81 12.90
C TRP A 249 -20.69 -11.72 12.84
N ALA A 250 -21.77 -11.25 12.21
CA ALA A 250 -22.93 -12.11 12.05
C ALA A 250 -22.58 -13.39 11.30
N GLU A 251 -21.77 -13.27 10.23
CA GLU A 251 -21.30 -14.47 9.53
C GLU A 251 -20.40 -15.28 10.46
N GLY A 252 -19.62 -14.61 11.28
CA GLY A 252 -18.85 -15.31 12.30
C GLY A 252 -19.73 -16.16 13.18
N ASP A 253 -20.82 -15.57 13.70
CA ASP A 253 -21.75 -16.31 14.54
C ASP A 253 -22.12 -17.65 13.95
N GLU A 254 -22.56 -17.64 12.70
CA GLU A 254 -23.03 -18.85 12.07
C GLU A 254 -21.94 -19.88 11.93
N MET A 255 -20.69 -19.50 12.15
CA MET A 255 -19.58 -20.44 12.05
C MET A 255 -19.31 -21.17 13.37
N LYS A 256 -19.53 -20.50 14.50
CA LYS A 256 -19.31 -21.19 15.76
C LYS A 256 -20.39 -22.23 16.01
N LYS A 257 -21.64 -21.82 15.77
CA LYS A 257 -22.79 -22.72 15.71
C LYS A 257 -22.52 -23.94 14.83
N LEU A 258 -21.68 -23.79 13.80
CA LEU A 258 -21.23 -24.88 12.96
C LEU A 258 -19.83 -25.38 13.33
N GLY A 259 -19.31 -24.96 14.48
CA GLY A 259 -18.04 -25.45 14.96
C GLY A 259 -16.74 -24.77 14.52
N ILE A 260 -16.64 -24.41 13.23
CA ILE A 260 -15.42 -23.79 12.72
C ILE A 260 -15.26 -22.40 13.31
N GLN A 261 -14.12 -22.15 13.94
CA GLN A 261 -13.84 -20.80 14.43
C GLN A 261 -13.64 -19.88 13.23
N PRO A 262 -14.36 -18.77 13.15
CA PRO A 262 -14.26 -17.92 11.97
C PRO A 262 -12.94 -17.18 11.96
N ILE A 263 -12.67 -16.55 10.83
CA ILE A 263 -11.43 -15.80 10.66
C ILE A 263 -11.50 -14.55 11.54
N PRO A 264 -10.35 -13.92 11.85
CA PRO A 264 -10.39 -12.81 12.83
C PRO A 264 -11.35 -11.71 12.44
N MET A 265 -11.32 -11.30 11.18
CA MET A 265 -12.21 -10.31 10.60
C MET A 265 -13.64 -10.44 11.14
N MET A 266 -14.08 -11.68 11.39
CA MET A 266 -15.48 -11.99 11.60
C MET A 266 -15.81 -12.48 13.00
N ASP A 267 -15.05 -12.02 13.99
CA ASP A 267 -15.14 -12.56 15.34
C ASP A 267 -15.47 -11.45 16.33
N ARG A 268 -16.70 -11.45 16.84
CA ARG A 268 -17.10 -10.42 17.80
C ARG A 268 -16.21 -10.40 19.03
N ASP A 269 -15.60 -11.54 19.37
CA ASP A 269 -14.72 -11.61 20.53
C ASP A 269 -13.37 -10.96 20.28
N LYS A 270 -13.13 -10.44 19.08
CA LYS A 270 -11.88 -9.78 18.73
C LYS A 270 -12.15 -8.39 18.17
N LYS A 271 -13.10 -7.66 18.77
CA LYS A 271 -13.32 -6.27 18.37
C LYS A 271 -12.10 -5.40 18.63
N ASP A 272 -11.33 -5.70 19.68
CA ASP A 272 -10.22 -4.84 20.06
C ASP A 272 -9.13 -4.83 19.00
N GLU A 273 -8.97 -5.91 18.27
CA GLU A 273 -8.01 -5.92 17.18
C GLU A 273 -8.54 -5.26 15.90
N VAL A 274 -9.77 -4.73 15.93
CA VAL A 274 -10.37 -4.11 14.75
C VAL A 274 -9.59 -2.90 14.27
N PRO A 275 -9.16 -1.96 15.15
CA PRO A 275 -8.42 -0.80 14.61
C PRO A 275 -7.19 -1.20 13.84
N GLN A 276 -6.43 -2.18 14.33
CA GLN A 276 -5.24 -2.52 13.58
C GLN A 276 -5.59 -3.30 12.31
N GLY A 277 -6.73 -3.95 12.30
CA GLY A 277 -7.13 -4.68 11.13
C GLY A 277 -7.57 -3.72 10.05
N GLN A 278 -8.00 -2.55 10.46
CA GLN A 278 -8.40 -1.53 9.53
C GLN A 278 -7.17 -1.00 8.90
N LEU A 279 -6.17 -0.79 9.70
CA LEU A 279 -4.90 -0.30 9.26
C LEU A 279 -4.27 -1.16 8.21
N GLY A 280 -4.38 -2.45 8.37
CA GLY A 280 -3.85 -3.39 7.39
C GLY A 280 -4.72 -3.59 6.17
N PHE A 281 -6.04 -3.44 6.30
CA PHE A 281 -6.89 -3.38 5.13
C PHE A 281 -6.56 -2.14 4.30
N TYR A 282 -6.37 -0.98 4.95
CA TYR A 282 -6.02 0.20 4.18
C TYR A 282 -4.69 0.01 3.48
N ASN A 283 -3.68 -0.47 4.18
CA ASN A 283 -2.39 -0.49 3.53
C ASN A 283 -2.25 -1.59 2.48
N ALA A 284 -3.15 -2.56 2.44
CA ALA A 284 -3.04 -3.62 1.45
C ALA A 284 -4.20 -3.67 0.45
N VAL A 285 -5.31 -2.97 0.70
CA VAL A 285 -6.38 -2.98 -0.26
C VAL A 285 -6.71 -1.55 -0.66
N ALA A 286 -7.06 -0.74 0.35
CA ALA A 286 -7.60 0.59 0.08
C ALA A 286 -6.57 1.47 -0.62
N ILE A 287 -5.39 1.63 0.02
CA ILE A 287 -4.39 2.57 -0.49
C ILE A 287 -3.87 2.17 -1.87
N PRO A 288 -3.46 0.94 -2.12
CA PRO A 288 -3.13 0.56 -3.51
C PRO A 288 -4.23 0.86 -4.53
N CYS A 289 -5.51 0.65 -4.18
CA CYS A 289 -6.62 0.87 -5.11
C CYS A 289 -6.76 2.35 -5.48
N TYR A 290 -6.91 3.26 -4.51
CA TYR A 290 -6.97 4.67 -4.88
C TYR A 290 -5.64 5.21 -5.41
N THR A 291 -4.52 4.51 -5.16
CA THR A 291 -3.26 4.98 -5.71
C THR A 291 -3.24 4.79 -7.23
N THR A 292 -3.41 3.55 -7.68
CA THR A 292 -3.54 3.27 -9.10
C THR A 292 -4.69 4.05 -9.70
N LEU A 293 -5.76 4.27 -8.93
CA LEU A 293 -6.83 5.13 -9.42
C LEU A 293 -6.31 6.51 -9.73
N THR A 294 -5.49 7.07 -8.85
CA THR A 294 -5.02 8.44 -9.08
C THR A 294 -3.95 8.46 -10.16
N GLN A 295 -3.12 7.42 -10.23
CA GLN A 295 -2.15 7.33 -11.32
C GLN A 295 -2.83 7.35 -12.68
N ILE A 296 -3.94 6.65 -12.81
CA ILE A 296 -4.64 6.55 -14.09
C ILE A 296 -5.57 7.74 -14.28
N LEU A 297 -6.45 7.99 -13.31
CA LEU A 297 -7.35 9.13 -13.33
C LEU A 297 -6.88 10.14 -12.30
N PRO A 298 -6.05 11.11 -12.69
CA PRO A 298 -5.51 12.08 -11.72
C PRO A 298 -6.58 12.80 -10.92
N PRO A 299 -7.73 13.16 -11.51
CA PRO A 299 -8.70 13.95 -10.72
C PRO A 299 -9.33 13.18 -9.57
N THR A 300 -9.21 11.86 -9.54
CA THR A 300 -9.78 11.09 -8.45
C THR A 300 -8.96 11.13 -7.19
N GLU A 301 -8.09 12.10 -7.05
CA GLU A 301 -7.17 11.98 -5.91
C GLU A 301 -7.78 12.37 -4.57
N PRO A 302 -8.83 13.22 -4.47
CA PRO A 302 -9.46 13.41 -3.14
C PRO A 302 -9.95 12.11 -2.51
N LEU A 303 -10.20 11.07 -3.30
CA LEU A 303 -10.45 9.75 -2.72
C LEU A 303 -9.20 9.26 -1.99
N LEU A 304 -8.06 9.22 -2.68
CA LEU A 304 -6.80 8.83 -2.06
C LEU A 304 -6.49 9.69 -0.86
N LYS A 305 -6.73 11.00 -0.95
CA LYS A 305 -6.34 11.89 0.14
C LYS A 305 -7.23 11.68 1.36
N ALA A 306 -8.51 11.41 1.14
CA ALA A 306 -9.41 11.11 2.25
C ALA A 306 -9.08 9.77 2.86
N CYS A 307 -8.74 8.79 2.02
CA CYS A 307 -8.30 7.50 2.53
C CYS A 307 -7.09 7.66 3.45
N ARG A 308 -6.10 8.45 3.02
CA ARG A 308 -4.94 8.69 3.87
C ARG A 308 -5.34 9.33 5.20
N ASP A 309 -6.17 10.36 5.17
CA ASP A 309 -6.66 10.95 6.42
C ASP A 309 -7.22 9.88 7.34
N ASN A 310 -8.08 9.01 6.82
CA ASN A 310 -8.67 7.98 7.67
C ASN A 310 -7.63 6.96 8.12
N LEU A 311 -6.60 6.69 7.29
CA LEU A 311 -5.54 5.78 7.73
C LEU A 311 -4.87 6.31 8.99
N SER A 312 -4.44 7.58 8.97
CA SER A 312 -3.95 8.27 10.16
C SER A 312 -4.87 8.06 11.35
N GLN A 313 -6.18 8.09 11.13
CA GLN A 313 -7.12 7.98 12.24
C GLN A 313 -7.02 6.60 12.85
N TRP A 314 -7.22 5.56 12.04
CA TRP A 314 -7.02 4.20 12.55
C TRP A 314 -5.65 4.05 13.18
N GLU A 315 -4.61 4.63 12.56
CA GLU A 315 -3.31 4.71 13.21
C GLU A 315 -3.44 5.39 14.57
N LYS A 316 -3.99 6.61 14.57
CA LYS A 316 -4.13 7.37 15.80
C LYS A 316 -4.99 6.65 16.83
N VAL A 317 -5.88 5.78 16.37
CA VAL A 317 -6.72 4.98 17.26
C VAL A 317 -5.95 3.82 17.86
N ILE A 318 -5.17 3.10 17.05
CA ILE A 318 -4.31 2.05 17.57
C ILE A 318 -3.35 2.62 18.62
N ARG A 319 -2.81 3.81 18.35
CA ARG A 319 -1.80 4.37 19.25
C ARG A 319 -2.39 4.96 20.52
N GLY A 320 -3.70 5.16 20.60
CA GLY A 320 -4.31 5.80 21.74
C GLY A 320 -4.35 7.31 21.61
N SER B 1 20.37 3.52 -15.48
CA SER B 1 19.36 4.42 -16.05
C SER B 1 19.41 5.83 -15.47
N ILE B 2 19.14 6.80 -16.34
CA ILE B 2 19.12 8.22 -16.01
C ILE B 2 17.67 8.65 -15.85
N CYS B 3 17.41 9.56 -14.92
CA CYS B 3 16.08 10.12 -14.82
C CYS B 3 15.85 11.14 -15.94
N THR B 4 14.60 11.57 -16.09
CA THR B 4 14.25 12.57 -17.08
C THR B 4 13.80 13.85 -16.40
N SER B 5 14.02 14.96 -17.11
CA SER B 5 13.79 16.32 -16.65
C SER B 5 12.65 16.42 -15.64
N GLU B 6 11.42 16.07 -16.06
CA GLU B 6 10.25 16.27 -15.21
C GLU B 6 10.42 15.60 -13.85
N GLU B 7 10.95 14.37 -13.83
CA GLU B 7 11.12 13.62 -12.59
C GLU B 7 11.85 14.45 -11.54
N TRP B 8 13.09 14.87 -11.84
CA TRP B 8 13.81 15.66 -10.85
C TRP B 8 13.21 17.05 -10.73
N GLN B 9 12.69 17.59 -11.83
CA GLN B 9 12.03 18.88 -11.77
C GLN B 9 10.85 18.81 -10.81
N GLY B 10 9.82 18.03 -11.14
CA GLY B 10 8.68 17.86 -10.28
C GLY B 10 9.05 17.80 -8.82
N LEU B 11 10.15 17.10 -8.54
CA LEU B 11 10.63 16.95 -7.17
C LEU B 11 11.17 18.26 -6.60
N MET B 12 11.80 19.09 -7.43
CA MET B 12 12.28 20.39 -6.93
C MET B 12 11.11 21.23 -6.43
N GLN B 13 10.03 21.30 -7.21
CA GLN B 13 8.83 22.05 -6.83
C GLN B 13 7.94 21.27 -5.90
N PHE B 14 8.20 19.98 -5.71
CA PHE B 14 7.36 19.22 -4.80
C PHE B 14 7.39 19.87 -3.42
N THR B 15 6.25 19.78 -2.74
CA THR B 15 6.07 20.42 -1.45
C THR B 15 5.55 19.41 -0.46
N LEU B 16 6.25 19.28 0.67
CA LEU B 16 5.78 18.40 1.71
C LEU B 16 4.55 19.03 2.35
N PRO B 17 3.48 18.27 2.52
CA PRO B 17 2.31 18.77 3.23
C PRO B 17 2.62 18.84 4.72
N VAL B 18 1.74 19.56 5.44
CA VAL B 18 2.05 20.02 6.79
C VAL B 18 1.86 18.92 7.81
N ARG B 19 0.80 18.12 7.69
CA ARG B 19 0.49 17.24 8.82
C ARG B 19 1.40 16.01 8.89
N LEU B 20 2.14 15.71 7.85
CA LEU B 20 3.16 14.68 7.95
C LEU B 20 4.40 15.16 8.68
N CYS B 21 4.58 16.48 8.80
CA CYS B 21 5.84 17.04 9.31
C CYS B 21 6.12 16.54 10.71
N LYS B 22 5.17 16.70 11.62
CA LYS B 22 5.35 16.08 12.91
C LYS B 22 5.33 14.56 12.81
N GLU B 23 4.71 13.99 11.76
CA GLU B 23 4.63 12.54 11.71
C GLU B 23 5.90 11.90 11.17
N ILE B 24 6.61 12.57 10.25
CA ILE B 24 7.85 12.01 9.71
C ILE B 24 8.84 11.74 10.83
N GLU B 25 8.75 12.52 11.91
CA GLU B 25 9.77 12.47 12.95
C GLU B 25 9.76 11.15 13.71
N LEU B 26 8.61 10.45 13.76
CA LEU B 26 8.45 9.36 14.72
C LEU B 26 9.06 8.06 14.21
N PHE B 27 9.60 7.27 15.14
CA PHE B 27 10.26 6.04 14.75
C PHE B 27 9.32 5.06 14.08
N HIS B 28 8.04 5.09 14.44
CA HIS B 28 7.08 4.13 13.94
C HIS B 28 6.43 4.55 12.63
N PHE B 29 6.62 5.81 12.22
CA PHE B 29 6.11 6.35 10.97
C PHE B 29 6.29 5.38 9.79
N ASP B 30 5.17 5.00 9.17
CA ASP B 30 5.20 4.18 7.96
C ASP B 30 4.92 5.07 6.76
N ILE B 31 5.86 5.09 5.81
CA ILE B 31 5.68 5.84 4.58
C ILE B 31 4.78 5.15 3.56
N GLY B 32 4.50 3.85 3.75
CA GLY B 32 3.80 3.04 2.78
C GLY B 32 2.65 3.68 2.00
N PRO B 33 1.76 4.42 2.67
CA PRO B 33 0.63 5.03 1.98
C PRO B 33 0.95 6.27 1.17
N PHE B 34 2.21 6.67 1.01
CA PHE B 34 2.59 7.94 0.39
C PHE B 34 3.62 7.73 -0.70
N GLU B 35 3.34 6.80 -1.61
CA GLU B 35 4.29 6.50 -2.66
C GLU B 35 4.75 7.77 -3.35
N ASN B 36 3.82 8.61 -3.79
CA ASN B 36 4.19 9.74 -4.63
C ASN B 36 5.08 10.73 -3.91
N MET B 37 5.07 10.74 -2.57
CA MET B 37 5.85 11.68 -1.79
C MET B 37 7.23 11.17 -1.38
N TRP B 38 7.54 9.89 -1.60
CA TRP B 38 8.82 9.35 -1.13
C TRP B 38 10.02 10.17 -1.58
N PRO B 39 10.22 10.48 -2.88
CA PRO B 39 11.41 11.26 -3.25
C PRO B 39 11.44 12.63 -2.61
N GLY B 40 10.28 13.14 -2.21
CA GLY B 40 10.20 14.39 -1.49
C GLY B 40 10.51 14.22 -0.03
N ILE B 41 9.88 13.22 0.61
CA ILE B 41 10.15 12.99 2.02
C ILE B 41 11.65 12.86 2.25
N PHE B 42 12.36 12.21 1.31
CA PHE B 42 13.82 12.14 1.50
C PHE B 42 14.48 13.49 1.26
N VAL B 43 14.02 14.24 0.26
CA VAL B 43 14.48 15.63 0.13
C VAL B 43 14.28 16.38 1.44
N TYR B 44 13.10 16.22 2.04
CA TYR B 44 12.81 16.95 3.27
C TYR B 44 13.79 16.58 4.36
N MET B 45 13.86 15.27 4.68
CA MET B 45 14.70 14.79 5.78
C MET B 45 16.14 15.26 5.61
N VAL B 46 16.63 15.25 4.38
CA VAL B 46 17.97 15.74 4.10
C VAL B 46 18.08 17.20 4.52
N HIS B 47 17.18 18.04 4.00
CA HIS B 47 17.15 19.46 4.38
C HIS B 47 16.87 19.65 5.86
N ARG B 48 16.49 18.63 6.59
CA ARG B 48 16.28 18.82 7.99
C ARG B 48 17.55 18.61 8.81
N SER B 49 18.20 17.46 8.63
CA SER B 49 19.40 17.11 9.37
C SER B 49 20.66 17.74 8.80
N CYS B 50 20.61 18.12 7.53
CA CYS B 50 21.72 18.71 6.84
C CYS B 50 21.55 20.11 6.30
N GLY B 51 20.49 20.79 6.67
CA GLY B 51 20.27 22.13 6.19
C GLY B 51 19.76 22.24 4.77
N THR B 52 19.11 23.35 4.48
CA THR B 52 18.54 23.60 3.17
C THR B 52 19.56 24.04 2.14
N SER B 53 20.82 24.21 2.54
CA SER B 53 21.89 24.54 1.62
C SER B 53 22.89 23.39 1.47
N CYS B 54 22.54 22.20 1.98
CA CYS B 54 23.53 21.13 2.12
C CYS B 54 24.04 20.66 0.77
N PHE B 55 23.14 20.30 -0.12
CA PHE B 55 23.48 20.05 -1.50
C PHE B 55 22.86 21.17 -2.32
N GLU B 56 23.09 21.12 -3.64
CA GLU B 56 22.44 22.03 -4.56
C GLU B 56 21.18 21.35 -5.09
N LEU B 57 20.04 21.92 -4.74
CA LEU B 57 18.73 21.32 -5.00
C LEU B 57 18.62 20.64 -6.36
N GLU B 58 19.04 21.33 -7.43
CA GLU B 58 18.96 20.72 -8.76
C GLU B 58 19.74 19.41 -8.80
N LYS B 59 20.88 19.36 -8.13
CA LYS B 59 21.70 18.15 -8.15
C LYS B 59 21.17 17.10 -7.17
N LEU B 60 20.76 17.53 -5.97
CA LEU B 60 20.15 16.60 -5.03
C LEU B 60 18.97 15.88 -5.67
N CYS B 61 18.06 16.65 -6.26
CA CYS B 61 16.90 16.05 -6.90
C CYS B 61 17.31 15.08 -7.99
N ARG B 62 18.19 15.53 -8.88
CA ARG B 62 18.67 14.63 -9.94
C ARG B 62 19.20 13.34 -9.35
N PHE B 63 19.96 13.46 -8.27
CA PHE B 63 20.46 12.28 -7.58
C PHE B 63 19.33 11.36 -7.16
N ILE B 64 18.39 11.89 -6.37
CA ILE B 64 17.34 11.05 -5.79
C ILE B 64 16.58 10.32 -6.88
N MET B 65 16.03 11.07 -7.85
CA MET B 65 15.15 10.45 -8.82
C MET B 65 15.86 9.37 -9.61
N SER B 66 17.13 9.57 -9.92
CA SER B 66 17.87 8.57 -10.67
C SER B 66 18.25 7.38 -9.79
N VAL B 67 18.47 7.62 -8.50
CA VAL B 67 18.52 6.51 -7.55
C VAL B 67 17.23 5.71 -7.61
N LYS B 68 16.09 6.39 -7.52
CA LYS B 68 14.82 5.69 -7.60
C LYS B 68 14.77 4.83 -8.84
N LYS B 69 15.29 5.36 -9.95
CA LYS B 69 15.17 4.71 -11.24
C LYS B 69 16.05 3.47 -11.35
N ASN B 70 17.03 3.31 -10.46
CA ASN B 70 17.87 2.12 -10.47
C ASN B 70 17.55 1.19 -9.30
N TYR B 71 16.35 1.29 -8.76
CA TYR B 71 15.86 0.38 -7.73
C TYR B 71 14.85 -0.55 -8.38
N ARG B 72 15.29 -1.78 -8.64
CA ARG B 72 14.48 -2.75 -9.34
C ARG B 72 13.18 -3.01 -8.58
N ARG B 73 12.17 -3.47 -9.30
CA ARG B 73 10.83 -3.63 -8.74
C ARG B 73 10.68 -5.06 -8.22
N VAL B 74 11.55 -5.41 -7.29
CA VAL B 74 11.60 -6.72 -6.67
C VAL B 74 10.71 -6.67 -5.42
N PRO B 75 10.14 -7.79 -4.97
CA PRO B 75 9.16 -7.72 -3.88
C PRO B 75 9.56 -6.83 -2.72
N TYR B 76 10.81 -6.91 -2.26
CA TYR B 76 11.17 -6.29 -0.98
C TYR B 76 12.30 -5.28 -1.10
N HIS B 77 13.43 -5.68 -1.72
CA HIS B 77 14.63 -4.84 -1.85
C HIS B 77 14.47 -3.84 -3.01
N ASN B 78 13.63 -2.82 -2.77
CA ASN B 78 13.19 -1.89 -3.79
C ASN B 78 13.17 -0.47 -3.25
N TRP B 79 12.71 0.46 -4.11
CA TRP B 79 12.68 1.88 -3.79
C TRP B 79 12.08 2.16 -2.42
N LYS B 80 10.86 1.68 -2.18
CA LYS B 80 10.22 1.89 -0.90
C LYS B 80 11.15 1.50 0.24
N HIS B 81 11.79 0.31 0.11
CA HIS B 81 12.67 -0.19 1.16
C HIS B 81 13.78 0.80 1.45
N ALA B 82 14.34 1.42 0.41
CA ALA B 82 15.40 2.39 0.62
C ALA B 82 14.87 3.64 1.29
N VAL B 83 13.68 4.08 0.91
CA VAL B 83 13.12 5.22 1.58
C VAL B 83 12.76 4.85 3.01
N THR B 84 12.31 3.61 3.20
CA THR B 84 12.00 3.14 4.53
C THR B 84 13.24 3.20 5.42
N VAL B 85 14.36 2.68 4.93
CA VAL B 85 15.58 2.61 5.73
C VAL B 85 16.20 3.99 5.87
N ALA B 86 16.17 4.80 4.81
CA ALA B 86 16.59 6.19 4.94
C ALA B 86 15.81 6.91 6.03
N HIS B 87 14.49 6.68 6.12
CA HIS B 87 13.71 7.35 7.16
C HIS B 87 14.23 7.05 8.55
N CYS B 88 14.41 5.75 8.88
CA CYS B 88 14.73 5.40 10.26
C CYS B 88 16.07 6.00 10.67
N MET B 89 17.04 5.99 9.76
CA MET B 89 18.28 6.72 9.97
C MET B 89 18.01 8.16 10.39
N TYR B 90 17.23 8.90 9.58
CA TYR B 90 16.77 10.23 10.00
C TYR B 90 16.24 10.20 11.42
N ALA B 91 15.34 9.28 11.72
CA ALA B 91 14.69 9.30 13.03
C ALA B 91 15.71 9.06 14.13
N ILE B 92 16.66 8.13 13.91
CA ILE B 92 17.78 7.97 14.82
C ILE B 92 18.59 9.26 14.92
N LEU B 93 19.00 9.82 13.77
CA LEU B 93 19.84 11.03 13.79
C LEU B 93 19.16 12.17 14.54
N GLN B 94 17.87 12.41 14.29
CA GLN B 94 17.19 13.53 14.91
C GLN B 94 17.23 13.44 16.43
N ASN B 95 17.31 12.23 16.95
CA ASN B 95 17.36 12.01 18.38
C ASN B 95 18.77 11.95 18.94
N ASN B 96 19.78 12.12 18.09
CA ASN B 96 21.17 12.06 18.53
C ASN B 96 21.99 12.94 17.59
N HIS B 97 21.57 14.20 17.46
CA HIS B 97 22.05 15.05 16.39
C HIS B 97 23.51 15.43 16.61
N THR B 98 23.80 16.17 17.69
CA THR B 98 25.15 16.67 17.92
C THR B 98 26.15 15.56 18.25
N LEU B 99 25.66 14.33 18.38
CA LEU B 99 26.53 13.19 18.48
C LEU B 99 27.22 12.85 17.17
N PHE B 100 26.68 13.27 16.02
CA PHE B 100 27.21 12.91 14.70
C PHE B 100 27.56 14.15 13.90
N THR B 101 28.58 14.04 13.06
CA THR B 101 29.06 15.19 12.30
C THR B 101 28.16 15.48 11.12
N ASP B 102 28.35 16.65 10.53
CA ASP B 102 27.64 16.95 9.30
C ASP B 102 27.97 15.92 8.24
N LEU B 103 29.26 15.76 7.94
CA LEU B 103 29.65 14.86 6.86
C LEU B 103 29.13 13.45 7.10
N GLU B 104 28.90 13.08 8.35
CA GLU B 104 28.35 11.78 8.66
C GLU B 104 26.85 11.75 8.42
N ARG B 105 26.13 12.80 8.80
CA ARG B 105 24.69 12.80 8.54
C ARG B 105 24.42 12.78 7.05
N LYS B 106 25.09 13.63 6.31
CA LYS B 106 24.96 13.57 4.85
C LYS B 106 25.39 12.19 4.35
N GLY B 107 26.40 11.59 4.96
CA GLY B 107 26.88 10.31 4.47
C GLY B 107 25.89 9.19 4.69
N LEU B 108 25.24 9.18 5.86
CA LEU B 108 24.35 8.10 6.28
C LEU B 108 23.00 8.13 5.58
N LEU B 109 22.40 9.32 5.44
CA LEU B 109 21.11 9.31 4.77
C LEU B 109 21.29 9.06 3.28
N ILE B 110 22.36 9.55 2.69
CA ILE B 110 22.64 9.24 1.30
C ILE B 110 22.94 7.75 1.13
N ALA B 111 23.68 7.15 2.07
CA ALA B 111 23.98 5.73 1.97
C ALA B 111 22.72 4.88 2.18
N CYS B 112 21.91 5.19 3.20
CA CYS B 112 20.65 4.44 3.38
C CYS B 112 19.78 4.47 2.13
N LEU B 113 19.63 5.64 1.52
CA LEU B 113 18.90 5.72 0.26
C LEU B 113 19.48 4.77 -0.78
N CYS B 114 20.79 4.50 -0.72
CA CYS B 114 21.43 3.75 -1.79
C CYS B 114 21.78 2.32 -1.41
N HIS B 115 21.81 1.99 -0.12
CA HIS B 115 22.49 0.78 0.36
C HIS B 115 22.08 -0.50 -0.37
N ASP B 116 20.97 -0.50 -1.13
CA ASP B 116 20.48 -1.68 -1.85
C ASP B 116 20.28 -1.44 -3.34
N LEU B 117 20.96 -0.47 -3.95
CA LEU B 117 20.70 -0.11 -5.35
C LEU B 117 20.87 -1.30 -6.28
N ASP B 118 19.91 -1.45 -7.21
CA ASP B 118 19.95 -2.45 -8.28
C ASP B 118 19.84 -3.87 -7.73
N HIS B 119 19.29 -4.04 -6.54
CA HIS B 119 19.13 -5.38 -6.02
C HIS B 119 18.39 -6.24 -7.04
N ARG B 120 18.81 -7.49 -7.18
CA ARG B 120 18.19 -8.41 -8.12
C ARG B 120 17.18 -9.34 -7.46
N GLY B 121 16.85 -9.11 -6.20
CA GLY B 121 16.00 -10.05 -5.51
C GLY B 121 16.71 -11.36 -5.23
N PHE B 122 18.04 -11.34 -5.15
CA PHE B 122 18.83 -12.54 -4.91
C PHE B 122 19.78 -12.33 -3.74
N SER B 123 20.03 -13.41 -3.00
CA SER B 123 20.92 -13.31 -1.85
C SER B 123 22.36 -13.52 -2.28
N ASN B 124 23.28 -13.04 -1.44
CA ASN B 124 24.70 -13.27 -1.69
C ASN B 124 24.99 -14.77 -1.84
N SER B 125 24.37 -15.60 -1.01
CA SER B 125 24.60 -17.04 -1.07
C SER B 125 24.45 -17.57 -2.48
N TYR B 126 23.42 -17.10 -3.19
CA TYR B 126 23.09 -17.62 -4.50
C TYR B 126 24.20 -17.32 -5.51
N LEU B 127 24.48 -16.03 -5.73
CA LEU B 127 25.47 -15.66 -6.73
C LEU B 127 26.85 -16.24 -6.43
N GLN B 128 27.17 -16.45 -5.15
CA GLN B 128 28.46 -17.02 -4.79
C GLN B 128 28.49 -18.51 -5.07
N LYS B 129 27.45 -19.24 -4.64
CA LYS B 129 27.34 -20.66 -4.96
C LYS B 129 27.54 -20.89 -6.45
N PHE B 130 26.98 -20.00 -7.29
CA PHE B 130 26.87 -20.23 -8.72
C PHE B 130 27.82 -19.35 -9.52
N ASP B 131 29.05 -19.16 -8.99
CA ASP B 131 30.17 -18.48 -9.63
C ASP B 131 29.78 -17.26 -10.46
N HIS B 132 28.57 -16.78 -10.27
CA HIS B 132 28.02 -15.72 -11.08
C HIS B 132 28.95 -14.50 -11.03
N PRO B 133 29.05 -13.73 -12.13
CA PRO B 133 30.16 -12.77 -12.25
C PRO B 133 30.39 -11.87 -11.05
N LEU B 134 29.33 -11.25 -10.51
CA LEU B 134 29.52 -10.31 -9.41
C LEU B 134 30.14 -11.00 -8.19
N ALA B 135 29.69 -12.22 -7.88
CA ALA B 135 30.28 -12.94 -6.75
C ALA B 135 31.69 -13.38 -7.05
N ALA B 136 32.03 -13.55 -8.33
CA ALA B 136 33.43 -13.70 -8.68
C ALA B 136 34.18 -12.37 -8.51
N LEU B 137 33.55 -11.27 -8.93
CA LEU B 137 34.17 -9.95 -8.81
C LEU B 137 34.45 -9.61 -7.34
N TYR B 138 33.42 -9.61 -6.50
CA TYR B 138 33.56 -9.39 -5.07
C TYR B 138 33.41 -10.72 -4.35
N SER B 139 34.47 -11.15 -3.68
CA SER B 139 34.43 -12.41 -2.95
C SER B 139 33.33 -12.42 -1.90
N THR B 140 33.32 -11.45 -1.01
CA THR B 140 32.34 -11.42 0.07
C THR B 140 31.58 -10.12 0.06
N SER B 141 30.49 -10.10 0.86
CA SER B 141 29.51 -9.01 0.89
C SER B 141 29.15 -8.58 -0.53
N THR B 142 28.79 -9.55 -1.36
CA THR B 142 28.80 -9.36 -2.82
C THR B 142 27.94 -8.17 -3.25
N MET B 143 26.66 -8.15 -2.89
CA MET B 143 25.83 -7.10 -3.47
C MET B 143 25.89 -5.81 -2.70
N GLU B 144 26.24 -5.84 -1.40
CA GLU B 144 26.64 -4.61 -0.73
C GLU B 144 27.70 -3.87 -1.55
N GLN B 145 28.86 -4.49 -1.77
CA GLN B 145 29.91 -3.87 -2.56
C GLN B 145 29.43 -3.49 -3.96
N HIS B 146 28.36 -4.12 -4.46
CA HIS B 146 27.76 -3.65 -5.71
C HIS B 146 26.84 -2.46 -5.47
N HIS B 147 26.20 -2.39 -4.30
CA HIS B 147 25.42 -1.21 -3.95
C HIS B 147 26.31 0.00 -3.77
N PHE B 148 27.55 -0.22 -3.40
CA PHE B 148 28.42 0.89 -3.26
C PHE B 148 28.83 1.37 -4.64
N SER B 149 29.25 0.47 -5.51
CA SER B 149 29.65 0.81 -6.88
C SER B 149 28.60 1.60 -7.64
N GLN B 150 27.37 1.16 -7.62
CA GLN B 150 26.32 1.90 -8.31
C GLN B 150 26.28 3.25 -7.66
N THR B 151 26.16 3.25 -6.35
CA THR B 151 26.11 4.45 -5.59
C THR B 151 27.16 5.42 -6.00
N VAL B 152 28.31 4.95 -6.45
CA VAL B 152 29.35 5.89 -6.84
C VAL B 152 29.23 6.22 -8.32
N SER B 153 28.71 5.29 -9.08
CA SER B 153 28.59 5.50 -10.49
C SER B 153 27.47 6.43 -10.80
N ILE B 154 26.61 6.64 -9.82
CA ILE B 154 25.50 7.52 -10.03
C ILE B 154 26.00 8.88 -9.68
N LEU B 155 27.03 8.94 -8.87
CA LEU B 155 27.55 10.25 -8.56
C LEU B 155 28.26 10.88 -9.74
N GLN B 156 28.83 10.05 -10.62
CA GLN B 156 29.54 10.55 -11.81
C GLN B 156 28.60 11.19 -12.83
N LEU B 157 27.30 10.90 -12.77
CA LEU B 157 26.34 11.36 -13.77
C LEU B 157 26.39 12.87 -13.93
N GLU B 158 26.09 13.34 -15.13
CA GLU B 158 26.05 14.77 -15.36
C GLU B 158 24.98 15.41 -14.48
N GLY B 159 25.42 16.23 -13.54
CA GLY B 159 24.53 16.87 -12.61
C GLY B 159 24.33 16.16 -11.28
N HIS B 160 24.82 14.93 -11.13
CA HIS B 160 24.45 14.14 -9.98
C HIS B 160 25.42 14.20 -8.82
N ASN B 161 26.63 14.75 -8.96
CA ASN B 161 27.51 14.72 -7.79
C ASN B 161 27.14 15.88 -6.89
N ILE B 162 26.31 15.55 -5.92
CA ILE B 162 25.90 16.49 -4.88
C ILE B 162 27.10 16.97 -4.08
N PHE B 163 28.05 16.07 -3.84
CA PHE B 163 29.27 16.27 -3.08
C PHE B 163 30.30 17.09 -3.79
N SER B 164 29.95 17.70 -4.94
CA SER B 164 30.90 18.55 -5.66
C SER B 164 31.55 19.56 -4.75
N THR B 165 30.76 20.32 -4.01
CA THR B 165 31.34 21.43 -3.28
C THR B 165 31.95 21.01 -1.95
N LEU B 166 32.49 19.80 -1.87
CA LEU B 166 33.29 19.39 -0.73
C LEU B 166 34.76 19.43 -1.09
N SER B 167 35.60 19.78 -0.11
CA SER B 167 37.04 19.59 -0.27
C SER B 167 37.32 18.15 -0.65
N SER B 168 38.42 17.93 -1.38
CA SER B 168 38.78 16.57 -1.77
C SER B 168 38.95 15.67 -0.54
N SER B 169 39.54 16.22 0.53
CA SER B 169 39.59 15.54 1.83
C SER B 169 38.19 15.11 2.28
N GLU B 170 37.30 16.08 2.50
CA GLU B 170 35.92 15.76 2.89
C GLU B 170 35.24 14.82 1.90
N TYR B 171 35.41 15.06 0.61
CA TYR B 171 34.78 14.18 -0.37
C TYR B 171 35.19 12.73 -0.14
N GLU B 172 36.50 12.50 0.02
CA GLU B 172 36.95 11.11 0.17
C GLU B 172 36.53 10.55 1.52
N GLN B 173 36.42 11.39 2.55
CA GLN B 173 35.89 10.94 3.84
C GLN B 173 34.48 10.39 3.68
N VAL B 174 33.59 11.18 3.08
CA VAL B 174 32.17 10.83 3.05
C VAL B 174 31.95 9.55 2.24
N LEU B 175 32.72 9.33 1.18
CA LEU B 175 32.67 8.05 0.49
C LEU B 175 33.02 6.91 1.43
N GLU B 176 33.94 7.15 2.37
CA GLU B 176 34.27 6.12 3.35
C GLU B 176 33.13 5.92 4.34
N ILE B 177 32.47 7.03 4.73
CA ILE B 177 31.36 6.94 5.66
C ILE B 177 30.23 6.13 5.04
N ILE B 178 30.00 6.38 3.76
CA ILE B 178 29.02 5.62 3.01
C ILE B 178 29.48 4.18 2.86
N ARG B 179 30.67 3.97 2.28
CA ARG B 179 31.11 2.63 1.91
C ARG B 179 30.94 1.65 3.05
N LYS B 180 31.50 1.97 4.22
CA LYS B 180 31.36 1.08 5.37
C LYS B 180 29.89 0.80 5.62
N ALA B 181 29.11 1.87 5.76
CA ALA B 181 27.71 1.74 6.12
C ALA B 181 26.98 0.74 5.22
N ILE B 182 27.33 0.72 3.92
CA ILE B 182 26.70 -0.17 2.94
C ILE B 182 27.31 -1.58 2.97
N ILE B 183 28.62 -1.69 3.26
CA ILE B 183 29.14 -2.99 3.64
C ILE B 183 28.52 -3.42 4.95
N ALA B 184 28.09 -2.46 5.77
CA ALA B 184 27.56 -2.80 7.08
C ALA B 184 26.18 -3.42 7.00
N THR B 185 25.49 -3.33 5.86
CA THR B 185 24.18 -3.96 5.72
C THR B 185 24.27 -5.43 5.24
N ASP B 186 25.45 -6.04 5.31
CA ASP B 186 25.57 -7.49 5.19
C ASP B 186 25.40 -8.08 6.58
N LEU B 187 24.26 -8.75 6.80
CA LEU B 187 23.93 -9.17 8.15
C LEU B 187 24.91 -10.18 8.72
N ALA B 188 25.78 -10.77 7.91
CA ALA B 188 26.84 -11.59 8.47
C ALA B 188 27.87 -10.75 9.20
N LEU B 189 28.12 -9.52 8.73
CA LEU B 189 28.91 -8.60 9.54
C LEU B 189 28.18 -8.23 10.80
N TYR B 190 26.85 -8.14 10.73
CA TYR B 190 26.09 -7.65 11.86
C TYR B 190 26.45 -8.40 13.13
N PHE B 191 26.66 -9.71 13.01
CA PHE B 191 26.83 -10.52 14.21
C PHE B 191 28.12 -10.17 14.96
N GLY B 192 29.27 -10.29 14.30
CA GLY B 192 30.50 -9.81 14.88
C GLY B 192 30.41 -8.37 15.36
N ASN B 193 29.86 -7.47 14.51
CA ASN B 193 29.77 -6.06 14.88
C ASN B 193 29.02 -5.92 16.19
N ARG B 194 27.94 -6.64 16.31
CA ARG B 194 27.12 -6.64 17.48
C ARG B 194 27.69 -7.27 18.74
N LYS B 195 28.35 -8.39 18.61
CA LYS B 195 28.95 -9.03 19.76
C LYS B 195 30.12 -8.18 20.20
N GLN B 196 30.81 -7.50 19.27
CA GLN B 196 31.90 -6.63 19.69
C GLN B 196 31.40 -5.37 20.42
N LEU B 197 30.26 -4.81 20.02
CA LEU B 197 29.79 -3.59 20.67
C LEU B 197 29.23 -3.88 22.06
N GLU B 198 28.53 -5.01 22.19
CA GLU B 198 28.09 -5.44 23.51
C GLU B 198 29.27 -5.49 24.47
N GLU B 199 30.41 -6.00 23.99
CA GLU B 199 31.57 -6.10 24.85
C GLU B 199 32.12 -4.72 25.21
N MET B 200 32.35 -3.85 24.22
CA MET B 200 32.88 -2.53 24.57
C MET B 200 31.91 -1.70 25.37
N TYR B 201 30.62 -2.02 25.34
CA TYR B 201 29.67 -1.23 26.11
C TYR B 201 29.63 -1.70 27.56
N GLN B 202 29.37 -2.99 27.78
CA GLN B 202 29.31 -3.52 29.14
C GLN B 202 30.60 -3.18 29.88
N THR B 203 31.72 -3.39 29.22
CA THR B 203 33.03 -3.17 29.79
C THR B 203 33.55 -1.80 29.38
N GLY B 204 32.73 -0.79 29.68
CA GLY B 204 33.06 0.63 29.65
C GLY B 204 34.19 1.15 28.78
N SER B 205 34.59 0.41 27.75
CA SER B 205 35.68 0.82 26.86
C SER B 205 35.21 1.20 25.46
N LEU B 206 33.89 1.22 25.21
CA LEU B 206 33.37 1.81 23.99
C LEU B 206 33.49 3.32 24.05
N ASN B 207 34.27 3.91 23.14
CA ASN B 207 34.50 5.34 23.21
C ASN B 207 34.11 6.01 21.92
N LEU B 208 33.19 6.97 22.02
CA LEU B 208 32.59 7.65 20.88
C LEU B 208 33.58 8.49 20.11
N ASN B 209 34.80 8.65 20.63
CA ASN B 209 35.84 9.44 19.98
C ASN B 209 36.94 8.56 19.39
N ASN B 210 36.71 7.26 19.28
CA ASN B 210 37.59 6.34 18.56
C ASN B 210 36.99 6.04 17.20
N GLN B 211 37.78 6.26 16.14
CA GLN B 211 37.22 6.11 14.80
C GLN B 211 36.65 4.72 14.61
N SER B 212 37.46 3.70 14.85
CA SER B 212 36.97 2.34 14.62
C SER B 212 35.80 2.01 15.54
N HIS B 213 35.61 2.75 16.64
CA HIS B 213 34.40 2.52 17.42
C HIS B 213 33.21 3.21 16.80
N ARG B 214 33.42 4.37 16.25
CA ARG B 214 32.35 5.05 15.61
C ARG B 214 31.84 4.30 14.42
N ASP B 215 32.71 3.60 13.73
CA ASP B 215 32.33 2.88 12.56
C ASP B 215 31.32 1.81 12.84
N ARG B 216 31.54 1.16 13.97
CA ARG B 216 30.74 0.08 14.47
C ARG B 216 29.40 0.50 14.98
N VAL B 217 29.34 1.66 15.58
CA VAL B 217 28.09 2.19 16.05
C VAL B 217 27.36 2.49 14.78
N ILE B 218 28.03 3.11 13.86
CA ILE B 218 27.41 3.48 12.61
C ILE B 218 26.89 2.25 11.94
N GLY B 219 27.71 1.22 11.96
CA GLY B 219 27.32 -0.03 11.40
C GLY B 219 26.10 -0.57 12.05
N LEU B 220 25.97 -0.44 13.34
CA LEU B 220 24.79 -0.95 14.02
C LEU B 220 23.50 -0.24 13.59
N MET B 221 23.58 1.06 13.42
CA MET B 221 22.45 1.83 12.99
C MET B 221 22.00 1.38 11.62
N MET B 222 22.94 1.06 10.76
CA MET B 222 22.64 0.63 9.43
C MET B 222 21.84 -0.63 9.42
N THR B 223 22.12 -1.53 10.34
CA THR B 223 21.43 -2.77 10.44
C THR B 223 20.14 -2.48 11.09
N ALA B 224 20.16 -1.71 12.14
CA ALA B 224 18.97 -1.36 12.83
C ALA B 224 18.00 -0.64 11.94
N CYS B 225 18.48 0.02 10.90
CA CYS B 225 17.63 0.70 9.95
C CYS B 225 17.18 -0.17 8.76
N ASP B 226 18.03 -1.10 8.27
CA ASP B 226 17.64 -1.99 7.13
C ASP B 226 16.66 -3.04 7.68
N LEU B 227 16.61 -3.19 9.00
CA LEU B 227 15.70 -4.14 9.63
C LEU B 227 14.43 -3.51 10.12
N CYS B 228 14.45 -2.21 10.29
CA CYS B 228 13.34 -1.46 10.79
C CYS B 228 11.90 -1.82 10.45
N SER B 229 11.64 -2.62 9.44
CA SER B 229 10.27 -3.02 9.18
C SER B 229 9.72 -3.65 10.44
N VAL B 230 10.59 -4.25 11.22
CA VAL B 230 10.17 -4.88 12.44
C VAL B 230 9.83 -3.96 13.58
N THR B 231 10.10 -2.68 13.46
CA THR B 231 9.83 -1.70 14.50
C THR B 231 8.66 -0.77 14.20
N LYS B 232 7.63 -1.28 13.57
CA LYS B 232 6.48 -0.50 13.25
C LYS B 232 5.23 -1.12 13.82
N LEU B 233 4.09 -0.53 13.56
CA LEU B 233 2.83 -1.16 13.96
C LEU B 233 2.73 -2.51 13.27
N TRP B 234 2.32 -3.52 14.05
CA TRP B 234 2.25 -4.90 13.55
C TRP B 234 1.48 -5.05 12.24
N PRO B 235 0.40 -4.28 11.97
CA PRO B 235 -0.24 -4.37 10.64
C PRO B 235 0.77 -4.17 9.53
N VAL B 236 1.41 -3.01 9.56
CA VAL B 236 2.51 -2.71 8.66
C VAL B 236 3.54 -3.82 8.70
N THR B 237 4.08 -4.09 9.89
CA THR B 237 5.11 -5.12 10.06
C THR B 237 4.73 -6.42 9.36
N LYS B 238 3.47 -6.87 9.51
CA LYS B 238 3.02 -8.11 8.89
C LYS B 238 3.03 -8.00 7.36
N LEU B 239 2.57 -6.88 6.82
CA LEU B 239 2.57 -6.72 5.37
C LEU B 239 3.97 -6.84 4.80
N THR B 240 4.87 -5.95 5.25
CA THR B 240 6.27 -6.01 4.81
C THR B 240 6.87 -7.41 4.96
N ALA B 241 6.41 -8.15 5.98
CA ALA B 241 6.89 -9.52 6.16
C ALA B 241 6.47 -10.41 5.01
N ASN B 242 5.27 -10.18 4.47
CA ASN B 242 4.90 -10.89 3.25
C ASN B 242 5.84 -10.52 2.10
N ASP B 243 6.16 -9.24 1.95
CA ASP B 243 7.02 -8.82 0.85
C ASP B 243 8.41 -9.44 0.92
N ILE B 244 8.89 -9.77 2.13
CA ILE B 244 10.21 -10.36 2.29
C ILE B 244 10.21 -11.83 1.86
N TYR B 245 9.17 -12.58 2.19
CA TYR B 245 9.15 -13.99 1.82
C TYR B 245 8.82 -14.20 0.35
N ALA B 246 8.12 -13.25 -0.27
CA ALA B 246 7.93 -13.32 -1.72
C ALA B 246 9.26 -13.29 -2.45
N GLU B 247 10.25 -12.62 -1.86
CA GLU B 247 11.57 -12.53 -2.47
C GLU B 247 12.41 -13.73 -2.13
N PHE B 248 12.38 -14.17 -0.87
CA PHE B 248 13.03 -15.41 -0.49
C PHE B 248 12.58 -16.53 -1.41
N TRP B 249 11.26 -16.77 -1.43
CA TRP B 249 10.69 -17.90 -2.16
C TRP B 249 11.01 -17.82 -3.64
N ALA B 250 10.94 -16.63 -4.23
CA ALA B 250 11.38 -16.46 -5.60
C ALA B 250 12.80 -16.97 -5.80
N GLU B 251 13.66 -16.86 -4.78
CA GLU B 251 15.03 -17.31 -4.92
C GLU B 251 15.16 -18.80 -4.64
N GLY B 252 14.36 -19.36 -3.74
CA GLY B 252 14.36 -20.80 -3.57
C GLY B 252 13.69 -21.57 -4.68
N ASP B 253 12.98 -20.87 -5.57
CA ASP B 253 12.45 -21.50 -6.77
C ASP B 253 13.53 -21.63 -7.84
N GLU B 254 14.34 -20.59 -8.06
CA GLU B 254 15.52 -20.74 -8.91
C GLU B 254 16.43 -21.86 -8.42
N MET B 255 16.46 -22.09 -7.10
CA MET B 255 17.27 -23.18 -6.56
C MET B 255 16.74 -24.54 -7.00
N LYS B 256 15.41 -24.72 -7.02
CA LYS B 256 14.84 -26.02 -7.39
C LYS B 256 15.00 -26.31 -8.88
N LYS B 257 14.96 -25.27 -9.73
CA LYS B 257 15.05 -25.49 -11.17
C LYS B 257 16.42 -26.04 -11.59
N LEU B 258 17.50 -25.40 -11.13
CA LEU B 258 18.83 -25.90 -11.39
C LEU B 258 19.15 -27.17 -10.59
N GLY B 259 18.19 -27.65 -9.78
CA GLY B 259 18.28 -28.94 -9.12
C GLY B 259 18.30 -28.87 -7.61
N ILE B 260 18.94 -27.85 -7.09
CA ILE B 260 19.37 -27.82 -5.69
C ILE B 260 18.19 -27.67 -4.74
N GLN B 261 18.34 -28.27 -3.57
CA GLN B 261 17.34 -28.18 -2.51
C GLN B 261 17.35 -26.77 -1.93
N PRO B 262 16.18 -26.18 -1.68
CA PRO B 262 16.16 -24.83 -1.10
C PRO B 262 16.27 -24.82 0.43
N ILE B 263 16.62 -23.65 0.93
CA ILE B 263 16.71 -23.37 2.35
C ILE B 263 15.30 -23.09 2.86
N PRO B 264 14.95 -23.48 4.10
CA PRO B 264 13.58 -23.26 4.60
C PRO B 264 13.08 -21.81 4.52
N MET B 265 13.97 -20.83 4.46
CA MET B 265 13.54 -19.46 4.17
C MET B 265 12.88 -19.40 2.79
N MET B 266 13.63 -19.80 1.78
CA MET B 266 13.33 -19.57 0.38
C MET B 266 12.52 -20.69 -0.23
N ASP B 267 12.04 -21.60 0.59
CA ASP B 267 11.17 -22.67 0.14
C ASP B 267 9.72 -22.30 0.44
N ARG B 268 8.90 -22.22 -0.60
CA ARG B 268 7.49 -21.96 -0.37
C ARG B 268 6.83 -23.16 0.32
N ASP B 269 7.20 -24.38 -0.08
CA ASP B 269 6.58 -25.57 0.51
C ASP B 269 6.73 -25.62 2.03
N LYS B 270 7.67 -24.88 2.61
CA LYS B 270 7.92 -24.93 4.04
C LYS B 270 7.21 -23.82 4.83
N LYS B 271 6.19 -23.18 4.23
CA LYS B 271 5.42 -22.08 4.79
C LYS B 271 5.13 -22.17 6.29
N ASP B 272 4.69 -23.32 6.78
CA ASP B 272 4.25 -23.36 8.18
C ASP B 272 5.37 -22.99 9.12
N GLU B 273 6.62 -23.19 8.69
CA GLU B 273 7.78 -22.82 9.48
C GLU B 273 7.96 -21.30 9.59
N VAL B 274 7.17 -20.50 8.87
CA VAL B 274 7.46 -19.06 8.77
C VAL B 274 7.27 -18.37 10.11
N PRO B 275 6.22 -18.63 10.82
CA PRO B 275 6.07 -17.93 12.06
C PRO B 275 7.13 -18.31 13.05
N GLN B 276 7.60 -19.56 13.06
CA GLN B 276 8.65 -19.90 14.01
C GLN B 276 9.99 -19.37 13.50
N GLY B 277 10.07 -19.14 12.21
CA GLY B 277 11.27 -18.59 11.64
C GLY B 277 11.43 -17.15 12.06
N GLN B 278 10.34 -16.47 12.33
CA GLN B 278 10.41 -15.10 12.76
C GLN B 278 10.64 -14.99 14.26
N LEU B 279 10.19 -15.96 15.01
CA LEU B 279 10.39 -16.01 16.42
C LEU B 279 11.85 -16.10 16.69
N GLY B 280 12.50 -16.87 15.87
CA GLY B 280 13.91 -17.11 15.98
C GLY B 280 14.75 -15.95 15.47
N PHE B 281 14.35 -15.36 14.36
CA PHE B 281 15.13 -14.26 13.82
C PHE B 281 14.95 -13.00 14.67
N TYR B 282 13.81 -12.84 15.34
CA TYR B 282 13.73 -11.79 16.34
C TYR B 282 14.80 -11.99 17.41
N ASN B 283 14.84 -13.18 18.03
CA ASN B 283 15.81 -13.44 19.09
C ASN B 283 17.22 -13.61 18.56
N ALA B 284 17.39 -14.15 17.35
CA ALA B 284 18.75 -14.34 16.84
C ALA B 284 19.41 -13.03 16.43
N VAL B 285 18.60 -12.00 16.11
CA VAL B 285 19.09 -10.84 15.36
C VAL B 285 18.38 -9.55 15.76
N ALA B 286 17.08 -9.46 15.47
CA ALA B 286 16.38 -8.19 15.59
C ALA B 286 16.39 -7.71 17.03
N ILE B 287 15.86 -8.51 17.93
CA ILE B 287 15.77 -8.11 19.30
C ILE B 287 17.13 -7.75 19.80
N PRO B 288 18.10 -8.71 19.64
CA PRO B 288 19.43 -8.33 20.10
C PRO B 288 20.03 -7.08 19.47
N CYS B 289 19.48 -6.62 18.36
CA CYS B 289 19.99 -5.46 17.64
C CYS B 289 19.59 -4.10 18.19
N TYR B 290 18.29 -3.91 18.38
CA TYR B 290 17.79 -2.65 18.93
C TYR B 290 18.12 -2.51 20.41
N THR B 291 18.48 -3.63 21.04
CA THR B 291 18.83 -3.66 22.45
C THR B 291 20.20 -3.10 22.72
N THR B 292 21.13 -3.38 21.84
CA THR B 292 22.47 -2.89 21.93
C THR B 292 22.45 -1.47 21.39
N LEU B 293 21.57 -1.22 20.45
CA LEU B 293 21.48 0.10 19.88
C LEU B 293 20.96 1.05 20.89
N THR B 294 20.12 0.53 21.78
CA THR B 294 19.49 1.32 22.81
C THR B 294 20.47 1.61 23.92
N GLN B 295 21.33 0.65 24.23
CA GLN B 295 22.32 0.84 25.27
C GLN B 295 23.31 1.94 24.88
N ILE B 296 23.75 1.94 23.63
CA ILE B 296 24.65 2.98 23.14
C ILE B 296 23.91 4.29 22.91
N LEU B 297 22.67 4.22 22.42
CA LEU B 297 21.88 5.38 22.03
C LEU B 297 20.52 5.34 22.72
N PRO B 298 20.45 5.87 23.95
CA PRO B 298 19.23 5.77 24.75
C PRO B 298 17.98 6.28 24.03
N PRO B 299 18.04 7.39 23.28
CA PRO B 299 16.81 7.85 22.60
C PRO B 299 16.28 6.89 21.58
N THR B 300 17.10 5.99 21.05
CA THR B 300 16.56 4.94 20.19
C THR B 300 15.93 3.81 20.97
N GLU B 301 15.26 4.08 22.06
CA GLU B 301 14.61 2.94 22.68
C GLU B 301 13.24 2.64 22.05
N PRO B 302 12.50 3.65 21.53
CA PRO B 302 11.27 3.32 20.79
C PRO B 302 11.45 2.23 19.78
N LEU B 303 12.64 2.14 19.18
CA LEU B 303 12.91 1.06 18.25
C LEU B 303 12.82 -0.29 18.95
N LEU B 304 13.51 -0.43 20.07
CA LEU B 304 13.47 -1.68 20.84
C LEU B 304 12.04 -2.07 21.24
N LYS B 305 11.34 -1.15 21.91
CA LYS B 305 9.93 -1.32 22.27
C LYS B 305 9.11 -1.98 21.16
N ALA B 306 9.10 -1.34 19.99
CA ALA B 306 8.23 -1.77 18.90
C ALA B 306 8.67 -3.10 18.29
N CYS B 307 9.97 -3.39 18.30
CA CYS B 307 10.41 -4.73 17.94
C CYS B 307 9.80 -5.76 18.85
N ARG B 308 9.62 -5.42 20.14
CA ARG B 308 9.17 -6.39 21.13
C ARG B 308 7.70 -6.73 20.95
N ASP B 309 6.85 -5.69 20.88
CA ASP B 309 5.44 -5.91 20.56
C ASP B 309 5.27 -6.80 19.34
N ASN B 310 6.13 -6.63 18.34
CA ASN B 310 6.03 -7.43 17.13
C ASN B 310 6.54 -8.85 17.33
N LEU B 311 7.30 -9.11 18.41
CA LEU B 311 7.64 -10.49 18.74
C LEU B 311 6.53 -11.17 19.54
N SER B 312 5.76 -10.39 20.32
CA SER B 312 4.53 -10.93 20.90
C SER B 312 3.62 -11.44 19.80
N GLN B 313 3.31 -10.57 18.83
CA GLN B 313 2.45 -10.95 17.72
C GLN B 313 2.96 -12.21 17.01
N TRP B 314 4.26 -12.29 16.78
CA TRP B 314 4.81 -13.50 16.19
C TRP B 314 4.63 -14.73 17.10
N GLU B 315 4.62 -14.53 18.42
CA GLU B 315 4.35 -15.62 19.34
C GLU B 315 2.87 -16.02 19.30
N LYS B 316 1.96 -15.03 19.46
CA LYS B 316 0.53 -15.33 19.44
C LYS B 316 0.13 -16.02 18.13
N VAL B 317 0.78 -15.67 17.02
CA VAL B 317 0.49 -16.33 15.74
C VAL B 317 0.73 -17.83 15.85
N ILE B 318 1.90 -18.22 16.37
CA ILE B 318 2.18 -19.63 16.58
C ILE B 318 1.18 -20.22 17.57
N ARG B 319 0.81 -19.47 18.59
CA ARG B 319 -0.13 -19.97 19.59
C ARG B 319 -1.54 -20.00 19.00
C3 DZU C . -14.05 -3.09 4.00
C4 DZU C . -13.33 -3.33 5.20
C11 DZU C . -12.14 -4.93 6.71
C39 DZU C . -13.39 -10.84 0.40
N36 DZU C . -11.99 -10.78 0.83
C35 DZU C . -11.60 -9.41 1.17
C34 DZU C . -10.20 -9.36 1.74
C37 DZU C . -11.10 -11.28 -0.23
C38 DZU C . -9.64 -11.01 0.11
N33 DZU C . -9.52 -10.65 1.52
C32 DZU C . -8.13 -10.62 1.97
C31 DZU C . -7.85 -11.59 3.13
C30 DZU C . -6.79 -11.06 4.07
O29 DZU C . -7.41 -10.64 5.30
C27 DZU C . -7.79 -9.31 5.41
C26 DZU C . -7.63 -8.46 4.35
C25 DZU C . -7.96 -7.13 4.50
C24 DZU C . -8.44 -6.65 5.70
C28 DZU C . -8.28 -8.86 6.63
C23 DZU C . -8.63 -7.52 6.77
N14 DZU C . -9.45 -7.11 7.89
C15 DZU C . -9.30 -7.59 9.20
C18 DZU C . -8.50 -8.56 9.78
C19 DZU C . -8.61 -8.78 11.15
C20 DZU C . -9.50 -8.04 11.94
C22 DZU C . -9.61 -8.32 13.42
C21 DZU C . -10.29 -7.07 11.34
C16 DZU C . -10.20 -6.83 9.97
N17 DZU C . -10.87 -5.91 9.17
C13 DZU C . -10.41 -6.11 7.94
C12 DZU C . -10.96 -5.51 6.74
C10 DZU C . -12.91 -4.67 5.50
N5 DZU C . -13.03 -2.36 6.09
C6 DZU C . -13.43 -1.13 5.81
C1 DZU C . -14.12 -0.78 4.66
C9 DZU C . -13.23 -5.68 4.63
C8 DZU C . -13.95 -5.44 3.47
C7 DZU C . -14.34 -4.17 3.15
C2 DZU C . -14.43 -1.75 3.76
ZN ZN D . -20.71 -3.49 -2.73
MG MG E . -20.84 -6.74 -3.58
C3 DZU F . 13.85 -9.44 8.23
C4 DZU F . 13.51 -10.80 8.43
C11 DZU F . 14.08 -13.21 8.37
C39 DZU F . 22.61 -12.72 1.71
N36 DZU F . 21.71 -13.06 2.83
C35 DZU F . 22.03 -14.37 3.40
C34 DZU F . 21.14 -14.67 4.59
C37 DZU F . 20.32 -13.05 2.38
C38 DZU F . 19.39 -13.46 3.52
N33 DZU F . 20.14 -13.60 4.77
C32 DZU F . 19.25 -13.83 5.92
C31 DZU F . 19.94 -14.15 7.23
C30 DZU F . 19.01 -13.91 8.39
O29 DZU F . 19.33 -14.77 9.51
C27 DZU F . 18.31 -15.51 10.05
C26 DZU F . 18.55 -16.33 11.14
C25 DZU F . 17.55 -17.14 11.61
C24 DZU F . 16.31 -17.18 10.99
C28 DZU F . 17.06 -15.49 9.45
C23 DZU F . 16.05 -16.34 9.92
N14 DZU F . 14.84 -16.50 9.14
C15 DZU F . 14.09 -17.69 9.02
C18 DZU F . 14.21 -18.94 9.61
C19 DZU F . 13.37 -19.96 9.16
C20 DZU F . 12.42 -19.74 8.15
C22 DZU F . 11.53 -20.87 7.68
C21 DZU F . 12.31 -18.46 7.61
C16 DZU F . 13.16 -17.43 8.02
N17 DZU F . 13.30 -16.15 7.51
C13 DZU F . 14.31 -15.62 8.20
C12 DZU F . 14.80 -14.27 8.06
C10 DZU F . 14.49 -11.81 8.28
N5 DZU F . 12.25 -11.21 8.72
C6 DZU F . 11.31 -10.29 8.80
C1 DZU F . 11.54 -8.93 8.63
C9 DZU F . 15.78 -11.44 7.96
C8 DZU F . 16.12 -10.10 7.78
C7 DZU F . 15.18 -9.12 7.91
C2 DZU F . 12.80 -8.51 8.35
ZN ZN G . 18.26 -3.09 2.52
MG MG H . 20.88 -5.28 1.17
#